data_4U65
#
_entry.id   4U65
#
_cell.length_a   75.854
_cell.length_b   73.674
_cell.length_c   88.223
_cell.angle_alpha   90.00
_cell.angle_beta   92.88
_cell.angle_gamma   90.00
#
_symmetry.space_group_name_H-M   'P 1 21 1'
#
loop_
_entity.id
_entity.type
_entity.pdbx_description
1 polymer 'Two component histidine kinase, GGDEF domain protein/EAL domain protein'
2 polymer 'Putative cystine protease'
3 non-polymer 'CALCIUM ION'
4 water water
#
loop_
_entity_poly.entity_id
_entity_poly.type
_entity_poly.pdbx_seq_one_letter_code
_entity_poly.pdbx_strand_id
1 'polypeptide(L)'
;TYFITMNNARNFFIQQLESNAQDTATSLGLSLSQSLINHDVPTMDSMVKAVFDRGYFSSIKVQDIKGKVIILKKQLPQES
DIPQWFVNLIKWPSTEKSSLIMDGWMQAGVVLVASDPSYVYASLWRNAVEM
;
A,B,C,D
2 'polypeptide(L)'
;ADWDFSAISRKATALYGPLGAGQQRIDAWQNLLATQKQVSEMEKLKVVNLFFNKQMRYVEDIDLWHEVDYWETPIEALWK
GAGDCEDYAIAKYFSLRHLGVASDKLRITYVKALRQNRAHMVLTYYSSPDAMPLVLDSLIDPIKPAAERTDLLPVYSFNA
EGLYLPGAKGNKKVGDTKRLSRWQDVLKKMQAEGFPV
;
E,F
#
# COMPACT_ATOMS: atom_id res chain seq x y z
N THR A 1 -0.65 5.50 -38.22
CA THR A 1 -0.42 4.18 -38.82
C THR A 1 1.02 3.74 -38.60
N TYR A 2 1.26 3.09 -37.46
CA TYR A 2 2.61 2.74 -37.04
C TYR A 2 2.94 1.30 -37.37
N PHE A 3 4.21 1.06 -37.68
CA PHE A 3 4.75 -0.26 -37.96
C PHE A 3 6.00 -0.43 -37.11
N ILE A 4 6.48 -1.66 -37.02
CA ILE A 4 7.81 -1.95 -36.49
C ILE A 4 8.48 -2.94 -37.44
N THR A 5 9.81 -2.82 -37.56
CA THR A 5 10.54 -3.72 -38.42
C THR A 5 10.42 -5.16 -37.91
N MET A 6 10.47 -6.11 -38.85
CA MET A 6 10.40 -7.51 -38.47
C MET A 6 11.56 -7.92 -37.58
N ASN A 7 12.74 -7.36 -37.82
CA ASN A 7 13.90 -7.69 -37.00
C ASN A 7 13.70 -7.22 -35.56
N ASN A 8 13.13 -6.03 -35.39
CA ASN A 8 12.87 -5.54 -34.04
C ASN A 8 11.76 -6.32 -33.36
N ALA A 9 10.71 -6.67 -34.12
CA ALA A 9 9.65 -7.51 -33.59
C ALA A 9 10.18 -8.85 -33.15
N ARG A 10 11.09 -9.45 -33.93
CA ARG A 10 11.69 -10.72 -33.55
C ARG A 10 12.37 -10.61 -32.18
N ASN A 11 13.12 -9.53 -31.97
CA ASN A 11 13.82 -9.35 -30.70
C ASN A 11 12.84 -9.24 -29.54
N PHE A 12 11.78 -8.45 -29.72
CA PHE A 12 10.78 -8.27 -28.66
C PHE A 12 10.08 -9.58 -28.34
N PHE A 13 9.66 -10.29 -29.39
CA PHE A 13 8.87 -11.49 -29.20
C PHE A 13 9.68 -12.56 -28.50
N ILE A 14 10.94 -12.74 -28.92
CA ILE A 14 11.82 -13.71 -28.26
C ILE A 14 12.01 -13.34 -26.79
N GLN A 15 12.27 -12.06 -26.51
CA GLN A 15 12.47 -11.65 -25.13
C GLN A 15 11.23 -11.93 -24.29
N GLN A 16 10.05 -11.69 -24.85
CA GLN A 16 8.81 -11.92 -24.09
C GLN A 16 8.59 -13.41 -23.86
N LEU A 17 8.93 -14.25 -24.84
CA LEU A 17 8.77 -15.69 -24.66
C LEU A 17 9.74 -16.23 -23.64
N GLU A 18 11.00 -15.77 -23.67
CA GLU A 18 11.99 -16.25 -22.72
C GLU A 18 11.65 -15.81 -21.30
N SER A 19 11.17 -14.58 -21.14
CA SER A 19 10.70 -14.11 -19.83
C SER A 19 9.54 -14.96 -19.33
N ASN A 20 8.60 -15.30 -20.23
CA ASN A 20 7.47 -16.13 -19.85
C ASN A 20 7.93 -17.52 -19.43
N ALA A 21 8.94 -18.07 -20.12
CA ALA A 21 9.45 -19.38 -19.76
C ALA A 21 10.05 -19.36 -18.36
N GLN A 22 10.71 -18.27 -17.98
CA GLN A 22 11.25 -18.17 -16.63
C GLN A 22 10.15 -18.08 -15.59
N ASP A 23 9.13 -17.26 -15.85
CA ASP A 23 8.04 -17.11 -14.88
C ASP A 23 7.28 -18.42 -14.70
N THR A 24 7.04 -19.14 -15.79
CA THR A 24 6.39 -20.44 -15.67
C THR A 24 7.26 -21.44 -14.92
N ALA A 25 8.57 -21.44 -15.17
CA ALA A 25 9.46 -22.34 -14.44
C ALA A 25 9.39 -22.06 -12.94
N THR A 26 9.36 -20.78 -12.56
CA THR A 26 9.32 -20.42 -11.15
C THR A 26 8.02 -20.87 -10.50
N SER A 27 6.87 -20.57 -11.14
CA SER A 27 5.59 -20.91 -10.54
C SER A 27 5.34 -22.41 -10.59
N LEU A 28 5.73 -23.08 -11.68
CA LEU A 28 5.58 -24.52 -11.73
C LEU A 28 6.51 -25.23 -10.76
N GLY A 29 7.76 -24.74 -10.63
CA GLY A 29 8.67 -25.33 -9.67
C GLY A 29 8.17 -25.19 -8.25
N LEU A 30 7.58 -24.05 -7.91
CA LEU A 30 7.01 -23.86 -6.59
C LEU A 30 5.85 -24.81 -6.33
N SER A 31 4.96 -24.97 -7.32
CA SER A 31 3.81 -25.85 -7.12
C SER A 31 4.22 -27.30 -7.00
N LEU A 32 5.28 -27.72 -7.70
CA LEU A 32 5.73 -29.10 -7.61
C LEU A 32 6.49 -29.37 -6.32
N SER A 33 6.84 -28.31 -5.59
CA SER A 33 7.57 -28.40 -4.34
C SER A 33 6.67 -28.78 -3.17
N GLN A 34 5.36 -28.62 -3.33
CA GLN A 34 4.43 -28.78 -2.23
C GLN A 34 4.07 -30.24 -1.99
N SER A 35 4.06 -30.65 -0.72
CA SER A 35 3.53 -31.96 -0.29
C SER A 35 4.15 -33.14 -1.05
N LEU A 36 5.43 -33.03 -1.43
CA LEU A 36 6.14 -34.12 -2.13
C LEU A 36 5.39 -34.53 -3.40
N ILE A 37 4.72 -33.57 -4.04
CA ILE A 37 4.01 -33.81 -5.29
C ILE A 37 4.95 -34.34 -6.36
N ASN A 38 6.21 -33.87 -6.36
CA ASN A 38 7.14 -34.29 -7.40
C ASN A 38 7.52 -35.75 -7.31
N HIS A 39 7.13 -36.45 -6.25
CA HIS A 39 7.35 -37.88 -6.14
C HIS A 39 6.12 -38.68 -6.58
N ASP A 40 5.00 -38.01 -6.76
CA ASP A 40 3.75 -38.59 -7.26
C ASP A 40 3.73 -38.31 -8.77
N VAL A 41 4.32 -39.22 -9.54
CA VAL A 41 4.49 -38.98 -10.97
C VAL A 41 3.17 -38.74 -11.69
N PRO A 42 2.12 -39.55 -11.49
CA PRO A 42 0.86 -39.27 -12.21
C PRO A 42 0.30 -37.88 -11.92
N THR A 43 0.39 -37.41 -10.66
CA THR A 43 -0.08 -36.07 -10.34
C THR A 43 0.83 -35.00 -10.94
N MET A 44 2.15 -35.19 -10.84
CA MET A 44 3.07 -34.23 -11.45
C MET A 44 2.91 -34.18 -12.96
N ASP A 45 2.73 -35.35 -13.59
CA ASP A 45 2.51 -35.38 -15.04
C ASP A 45 1.27 -34.60 -15.42
N SER A 46 0.18 -34.76 -14.66
CA SER A 46 -1.04 -34.02 -14.93
C SER A 46 -0.81 -32.52 -14.73
N MET A 47 -0.01 -32.15 -13.72
CA MET A 47 0.25 -30.75 -13.45
C MET A 47 1.09 -30.12 -14.56
N VAL A 48 2.13 -30.81 -15.01
CA VAL A 48 2.97 -30.30 -16.10
C VAL A 48 2.18 -30.22 -17.39
N LYS A 49 1.32 -31.21 -17.66
CA LYS A 49 0.50 -31.17 -18.87
C LYS A 49 -0.41 -29.95 -18.90
N ALA A 50 -1.04 -29.64 -17.75
CA ALA A 50 -1.93 -28.48 -17.69
C ALA A 50 -1.18 -27.20 -18.01
N VAL A 51 0.04 -27.06 -17.48
CA VAL A 51 0.85 -25.87 -17.75
C VAL A 51 1.27 -25.83 -19.21
N PHE A 52 1.63 -26.99 -19.76
CA PHE A 52 2.11 -27.03 -21.15
C PHE A 52 0.99 -26.73 -22.14
N ASP A 53 -0.20 -27.30 -21.92
CA ASP A 53 -1.31 -27.10 -22.86
C ASP A 53 -1.75 -25.64 -22.92
N ARG A 54 -1.63 -24.92 -21.81
CA ARG A 54 -2.05 -23.53 -21.77
C ARG A 54 -0.96 -22.56 -22.24
N GLY A 55 0.30 -23.01 -22.29
CA GLY A 55 1.41 -22.16 -22.63
C GLY A 55 1.82 -22.26 -24.10
N TYR A 56 2.99 -21.67 -24.39
CA TYR A 56 3.52 -21.60 -25.74
C TYR A 56 4.95 -22.11 -25.80
N PHE A 57 5.29 -23.05 -24.93
CA PHE A 57 6.66 -23.50 -24.75
C PHE A 57 7.03 -24.58 -25.75
N SER A 58 8.32 -24.67 -26.05
CA SER A 58 8.81 -25.76 -26.89
C SER A 58 8.82 -27.08 -26.11
N SER A 59 9.14 -27.01 -24.81
CA SER A 59 9.20 -28.21 -23.98
C SER A 59 9.21 -27.80 -22.52
N ILE A 60 8.71 -28.71 -21.68
CA ILE A 60 8.89 -28.65 -20.24
C ILE A 60 9.47 -29.98 -19.79
N LYS A 61 10.52 -29.93 -18.99
CA LYS A 61 11.25 -31.13 -18.56
C LYS A 61 11.40 -31.09 -17.04
N VAL A 62 11.23 -32.25 -16.41
CA VAL A 62 11.43 -32.41 -14.98
C VAL A 62 12.50 -33.47 -14.76
N GLN A 63 13.54 -33.11 -13.99
CA GLN A 63 14.57 -34.05 -13.60
C GLN A 63 14.51 -34.21 -12.08
N ASP A 64 14.93 -35.35 -11.58
CA ASP A 64 14.98 -35.54 -10.14
C ASP A 64 16.35 -35.12 -9.61
N ILE A 65 16.62 -35.43 -8.34
CA ILE A 65 17.85 -34.98 -7.69
C ILE A 65 19.07 -35.65 -8.32
N LYS A 66 18.90 -36.83 -8.91
CA LYS A 66 20.01 -37.53 -9.55
C LYS A 66 20.15 -37.18 -11.03
N GLY A 67 19.36 -36.24 -11.54
CA GLY A 67 19.39 -35.86 -12.94
C GLY A 67 18.57 -36.70 -13.89
N LYS A 68 17.87 -37.72 -13.39
CA LYS A 68 17.03 -38.57 -14.22
C LYS A 68 15.81 -37.82 -14.74
N VAL A 69 15.56 -37.88 -16.05
CA VAL A 69 14.39 -37.21 -16.61
C VAL A 69 13.15 -37.98 -16.17
N ILE A 70 12.25 -37.28 -15.49
CA ILE A 70 11.01 -37.90 -15.00
C ILE A 70 9.82 -37.52 -15.87
N ILE A 71 9.76 -36.26 -16.31
CA ILE A 71 8.69 -35.77 -17.16
C ILE A 71 9.32 -34.99 -18.31
N LEU A 72 8.83 -35.23 -19.53
CA LEU A 72 9.27 -34.47 -20.70
C LEU A 72 8.07 -34.27 -21.60
N LYS A 73 7.57 -33.04 -21.67
CA LYS A 73 6.45 -32.69 -22.54
C LYS A 73 7.00 -31.85 -23.69
N LYS A 74 6.70 -32.25 -24.92
CA LYS A 74 7.19 -31.51 -26.08
C LYS A 74 6.06 -31.27 -27.07
N GLN A 75 6.20 -30.16 -27.79
CA GLN A 75 5.26 -29.79 -28.85
C GLN A 75 5.03 -30.96 -29.79
N LEU A 76 3.76 -31.23 -30.10
CA LEU A 76 3.47 -32.28 -31.07
C LEU A 76 4.12 -31.89 -32.40
N PRO A 77 4.79 -32.83 -33.09
CA PRO A 77 5.66 -32.41 -34.20
C PRO A 77 4.98 -32.06 -35.53
N GLN A 78 4.69 -30.78 -35.73
CA GLN A 78 3.92 -30.27 -36.86
C GLN A 78 4.88 -29.59 -37.85
N GLU A 79 4.63 -29.76 -39.15
CA GLU A 79 5.53 -29.28 -40.19
C GLU A 79 5.16 -27.88 -40.67
N SER A 80 6.19 -27.12 -41.03
CA SER A 80 6.11 -25.69 -41.32
C SER A 80 5.96 -25.38 -42.80
N ASP A 81 4.97 -24.54 -43.12
CA ASP A 81 4.83 -23.85 -44.41
C ASP A 81 5.73 -22.61 -44.56
N ILE A 82 6.78 -22.44 -43.77
CA ILE A 82 7.58 -21.21 -43.77
C ILE A 82 8.88 -21.47 -44.52
N PRO A 83 9.18 -20.73 -45.58
CA PRO A 83 10.38 -21.00 -46.37
C PRO A 83 11.66 -20.68 -45.60
N GLN A 84 12.73 -21.40 -45.97
CA GLN A 84 13.99 -21.27 -45.25
C GLN A 84 14.58 -19.88 -45.37
N TRP A 85 14.41 -19.22 -46.53
CA TRP A 85 14.96 -17.88 -46.69
C TRP A 85 14.36 -16.92 -45.68
N PHE A 86 13.09 -17.12 -45.33
CA PHE A 86 12.44 -16.27 -44.32
C PHE A 86 12.95 -16.60 -42.92
N VAL A 87 13.06 -17.89 -42.61
CA VAL A 87 13.56 -18.30 -41.29
C VAL A 87 14.98 -17.80 -41.09
N ASN A 88 15.80 -17.84 -42.14
CA ASN A 88 17.19 -17.37 -42.03
C ASN A 88 17.26 -15.91 -41.63
N LEU A 89 16.25 -15.12 -41.98
CA LEU A 89 16.27 -13.70 -41.63
C LEU A 89 16.02 -13.49 -40.13
N ILE A 90 15.34 -14.42 -39.48
CA ILE A 90 14.83 -14.23 -38.13
C ILE A 90 15.27 -15.30 -37.14
N LYS A 91 16.00 -16.33 -37.58
CA LYS A 91 16.19 -17.49 -36.72
C LYS A 91 16.95 -17.13 -35.44
N TRP A 92 16.48 -17.71 -34.33
CA TRP A 92 17.07 -17.51 -33.01
C TRP A 92 17.03 -18.81 -32.22
N PRO A 93 18.06 -19.10 -31.43
CA PRO A 93 18.07 -20.33 -30.64
C PRO A 93 17.10 -20.31 -29.46
N SER A 94 16.52 -21.47 -29.18
N SER A 94 16.51 -21.48 -29.18
CA SER A 94 15.64 -21.65 -28.02
CA SER A 94 15.68 -21.63 -28.00
C SER A 94 16.44 -21.71 -26.71
C SER A 94 16.55 -21.59 -26.75
N THR A 95 16.09 -20.87 -25.74
CA THR A 95 16.71 -20.88 -24.42
C THR A 95 15.87 -21.70 -23.44
N GLU A 96 16.54 -22.34 -22.48
CA GLU A 96 15.89 -23.13 -21.45
C GLU A 96 16.01 -22.42 -20.10
N LYS A 97 14.86 -22.16 -19.47
CA LYS A 97 14.81 -21.51 -18.16
C LYS A 97 14.53 -22.54 -17.08
N SER A 98 15.12 -22.35 -15.90
CA SER A 98 15.03 -23.35 -14.84
C SER A 98 14.50 -22.77 -13.53
N SER A 99 14.03 -23.68 -12.68
CA SER A 99 13.68 -23.38 -11.29
C SER A 99 13.73 -24.69 -10.52
N LEU A 100 14.09 -24.59 -9.25
CA LEU A 100 14.31 -25.78 -8.41
C LEU A 100 13.01 -26.41 -7.94
N ILE A 101 13.03 -27.75 -7.80
CA ILE A 101 11.97 -28.50 -7.16
C ILE A 101 12.47 -28.94 -5.79
N MET A 102 11.75 -28.56 -4.73
CA MET A 102 12.23 -28.70 -3.36
C MET A 102 11.29 -29.56 -2.53
N ASP A 103 11.86 -30.34 -1.62
CA ASP A 103 11.12 -30.98 -0.53
C ASP A 103 11.58 -30.33 0.77
N GLY A 104 10.96 -29.20 1.11
CA GLY A 104 11.42 -28.46 2.27
C GLY A 104 12.83 -27.94 2.06
N TRP A 105 13.77 -28.40 2.89
CA TRP A 105 15.17 -28.01 2.73
C TRP A 105 15.92 -28.88 1.74
N MET A 106 15.38 -30.04 1.39
CA MET A 106 16.07 -30.99 0.51
C MET A 106 15.75 -30.68 -0.94
N GLN A 107 16.78 -30.66 -1.78
CA GLN A 107 16.57 -30.47 -3.21
C GLN A 107 16.01 -31.75 -3.82
N ALA A 108 14.98 -31.60 -4.65
CA ALA A 108 14.32 -32.73 -5.28
C ALA A 108 14.44 -32.73 -6.79
N GLY A 109 15.03 -31.70 -7.38
CA GLY A 109 15.20 -31.69 -8.82
C GLY A 109 15.09 -30.28 -9.36
N VAL A 110 14.82 -30.22 -10.66
CA VAL A 110 14.72 -28.96 -11.38
C VAL A 110 13.65 -29.13 -12.45
N VAL A 111 12.91 -28.06 -12.71
CA VAL A 111 11.97 -28.02 -13.83
C VAL A 111 12.53 -27.07 -14.86
N LEU A 112 12.49 -27.48 -16.13
CA LEU A 112 13.15 -26.77 -17.21
C LEU A 112 12.11 -26.42 -18.27
N VAL A 113 11.98 -25.13 -18.56
CA VAL A 113 10.99 -24.63 -19.50
C VAL A 113 11.74 -23.98 -20.65
N ALA A 114 11.43 -24.40 -21.88
CA ALA A 114 12.15 -23.96 -23.06
C ALA A 114 11.27 -23.09 -23.94
N SER A 115 11.85 -22.01 -24.44
CA SER A 115 11.12 -21.13 -25.32
C SER A 115 11.01 -21.75 -26.70
N ASP A 116 10.01 -21.31 -27.45
CA ASP A 116 9.78 -21.82 -28.80
C ASP A 116 9.92 -20.71 -29.81
N PRO A 117 11.08 -20.56 -30.47
CA PRO A 117 11.21 -19.49 -31.46
C PRO A 117 10.42 -19.76 -32.73
N SER A 118 9.98 -21.00 -32.94
CA SER A 118 9.18 -21.30 -34.11
C SER A 118 7.83 -20.62 -34.04
N TYR A 119 7.32 -20.40 -32.82
CA TYR A 119 6.07 -19.66 -32.66
C TYR A 119 6.24 -18.23 -33.16
N VAL A 120 7.40 -17.61 -32.87
CA VAL A 120 7.69 -16.28 -33.39
C VAL A 120 7.80 -16.33 -34.91
N TYR A 121 8.45 -17.36 -35.45
CA TYR A 121 8.58 -17.51 -36.90
C TYR A 121 7.20 -17.50 -37.56
N ALA A 122 6.26 -18.24 -36.98
CA ALA A 122 4.93 -18.35 -37.57
C ALA A 122 4.15 -17.04 -37.44
N SER A 123 4.29 -16.37 -36.30
CA SER A 123 3.59 -15.10 -36.11
C SER A 123 4.10 -14.04 -37.09
N LEU A 124 5.43 -13.95 -37.25
CA LEU A 124 5.98 -12.97 -38.18
C LEU A 124 5.65 -13.33 -39.63
N TRP A 125 5.65 -14.62 -39.95
CA TRP A 125 5.34 -15.01 -41.32
C TRP A 125 3.89 -14.68 -41.66
N ARG A 126 3.00 -14.84 -40.69
CA ARG A 126 1.58 -14.54 -40.91
CA ARG A 126 1.59 -14.53 -40.95
C ARG A 126 1.36 -13.03 -41.08
N ASN A 127 2.11 -12.21 -40.35
CA ASN A 127 1.84 -10.78 -40.31
C ASN A 127 2.91 -9.94 -40.99
N ALA A 128 3.83 -10.56 -41.72
CA ALA A 128 4.85 -9.79 -42.41
C ALA A 128 4.22 -8.94 -43.51
N VAL A 129 4.58 -7.66 -43.53
CA VAL A 129 4.14 -6.69 -44.51
C VAL A 129 5.38 -6.09 -45.16
N GLU A 130 5.41 -6.09 -46.48
CA GLU A 130 6.56 -5.64 -47.25
C GLU A 130 6.34 -4.19 -47.67
N MET A 131 7.29 -3.32 -47.30
CA MET A 131 7.24 -1.91 -47.66
C MET A 131 8.65 -1.40 -47.99
N THR B 1 12.24 -4.22 -47.21
CA THR B 1 12.28 -4.89 -45.91
C THR B 1 10.88 -5.22 -45.40
N TYR B 2 10.80 -6.11 -44.40
CA TYR B 2 9.53 -6.59 -43.88
C TYR B 2 9.18 -5.87 -42.59
N PHE B 3 7.88 -5.65 -42.40
CA PHE B 3 7.35 -5.02 -41.20
C PHE B 3 6.17 -5.83 -40.67
N ILE B 4 5.74 -5.46 -39.47
CA ILE B 4 4.44 -5.85 -38.94
C ILE B 4 3.79 -4.60 -38.39
N THR B 5 2.46 -4.54 -38.47
CA THR B 5 1.74 -3.40 -37.95
C THR B 5 1.92 -3.29 -36.43
N MET B 6 1.80 -2.06 -35.92
CA MET B 6 1.84 -1.86 -34.48
C MET B 6 0.73 -2.64 -33.79
N ASN B 7 -0.43 -2.75 -34.45
CA ASN B 7 -1.55 -3.47 -33.86
C ASN B 7 -1.22 -4.96 -33.71
N ASN B 8 -0.50 -5.53 -34.67
CA ASN B 8 -0.15 -6.95 -34.58
C ASN B 8 0.87 -7.19 -33.47
N ALA B 9 1.85 -6.30 -33.32
CA ALA B 9 2.78 -6.40 -32.20
C ALA B 9 2.03 -6.29 -30.88
N ARG B 10 1.08 -5.36 -30.80
CA ARG B 10 0.24 -5.20 -29.61
C ARG B 10 -0.51 -6.48 -29.28
N ASN B 11 -1.08 -7.13 -30.29
CA ASN B 11 -1.84 -8.35 -30.07
C ASN B 11 -0.96 -9.45 -29.50
N PHE B 12 0.29 -9.56 -29.97
CA PHE B 12 1.20 -10.57 -29.45
C PHE B 12 1.44 -10.36 -27.96
N PHE B 13 1.72 -9.12 -27.56
CA PHE B 13 2.01 -8.84 -26.16
C PHE B 13 0.79 -9.06 -25.28
N ILE B 14 -0.39 -8.63 -25.74
CA ILE B 14 -1.61 -8.86 -24.98
C ILE B 14 -1.78 -10.36 -24.74
N GLN B 15 -1.61 -11.16 -25.79
CA GLN B 15 -1.72 -12.61 -25.65
C GLN B 15 -0.68 -13.15 -24.67
N GLN B 16 0.57 -12.73 -24.81
CA GLN B 16 1.64 -13.29 -24.00
C GLN B 16 1.59 -12.81 -22.55
N LEU B 17 1.22 -11.54 -22.32
CA LEU B 17 1.11 -11.07 -20.95
C LEU B 17 -0.07 -11.69 -20.23
N GLU B 18 -1.22 -11.81 -20.90
CA GLU B 18 -2.39 -12.42 -20.25
C GLU B 18 -2.13 -13.90 -19.96
N SER B 19 -1.48 -14.61 -20.88
N SER B 19 -1.45 -14.61 -20.86
CA SER B 19 -1.15 -16.01 -20.65
CA SER B 19 -1.18 -16.02 -20.60
C SER B 19 -0.20 -16.16 -19.47
C SER B 19 -0.18 -16.18 -19.47
N ASN B 20 0.83 -15.30 -19.39
CA ASN B 20 1.78 -15.38 -18.30
C ASN B 20 1.14 -15.02 -16.97
N ALA B 21 0.30 -13.97 -16.95
CA ALA B 21 -0.37 -13.60 -15.71
C ALA B 21 -1.32 -14.69 -15.26
N GLN B 22 -2.02 -15.33 -16.20
CA GLN B 22 -2.92 -16.42 -15.85
C GLN B 22 -2.16 -17.64 -15.36
N ASP B 23 -1.05 -17.98 -16.03
CA ASP B 23 -0.29 -19.16 -15.65
C ASP B 23 0.28 -19.03 -14.24
N THR B 24 0.82 -17.86 -13.91
CA THR B 24 1.33 -17.66 -12.56
C THR B 24 0.20 -17.66 -11.54
N ALA B 25 -0.94 -17.02 -11.88
CA ALA B 25 -2.08 -17.02 -10.97
C ALA B 25 -2.55 -18.43 -10.66
N THR B 26 -2.66 -19.28 -11.69
CA THR B 26 -3.14 -20.65 -11.47
C THR B 26 -2.15 -21.47 -10.66
N SER B 27 -0.87 -21.43 -11.04
CA SER B 27 0.12 -22.25 -10.34
C SER B 27 0.38 -21.74 -8.93
N LEU B 28 0.38 -20.42 -8.75
CA LEU B 28 0.53 -19.87 -7.41
C LEU B 28 -0.69 -20.18 -6.55
N GLY B 29 -1.88 -20.17 -7.16
CA GLY B 29 -3.07 -20.53 -6.42
C GLY B 29 -3.01 -21.93 -5.84
N LEU B 30 -2.43 -22.87 -6.59
CA LEU B 30 -2.23 -24.22 -6.06
C LEU B 30 -1.26 -24.21 -4.88
N SER B 31 -0.16 -23.46 -4.99
CA SER B 31 0.87 -23.47 -3.96
C SER B 31 0.39 -22.83 -2.65
N LEU B 32 -0.47 -21.81 -2.75
CA LEU B 32 -1.00 -21.06 -1.62
C LEU B 32 -2.10 -21.78 -0.83
N SER B 33 -2.50 -22.99 -1.22
N SER B 33 -2.51 -22.98 -1.26
CA SER B 33 -3.73 -23.55 -0.66
CA SER B 33 -3.68 -23.63 -0.69
C SER B 33 -3.60 -23.95 0.80
C SER B 33 -3.54 -23.83 0.81
N GLN B 34 -2.43 -24.44 1.23
CA GLN B 34 -2.35 -24.91 2.62
C GLN B 34 -2.04 -23.79 3.59
N SER B 35 -1.17 -22.86 3.21
CA SER B 35 -0.91 -21.70 4.07
C SER B 35 -2.15 -20.82 4.21
N LEU B 36 -2.99 -20.75 3.17
CA LEU B 36 -4.23 -19.99 3.29
C LEU B 36 -5.21 -20.70 4.21
N ILE B 37 -5.30 -22.03 4.09
CA ILE B 37 -6.15 -22.80 4.99
C ILE B 37 -5.69 -22.61 6.43
N ASN B 38 -4.39 -22.65 6.65
CA ASN B 38 -3.80 -22.49 7.98
C ASN B 38 -3.80 -21.05 8.47
N HIS B 39 -4.18 -20.09 7.62
CA HIS B 39 -4.15 -18.68 7.99
C HIS B 39 -2.73 -18.26 8.34
N ASP B 40 -1.77 -18.85 7.62
CA ASP B 40 -0.34 -18.61 7.84
C ASP B 40 0.10 -17.47 6.94
N VAL B 41 -0.07 -16.24 7.44
CA VAL B 41 0.27 -15.06 6.66
C VAL B 41 1.76 -15.00 6.32
N PRO B 42 2.70 -15.23 7.26
CA PRO B 42 4.12 -15.17 6.88
C PRO B 42 4.49 -16.12 5.74
N THR B 43 3.93 -17.33 5.72
CA THR B 43 4.26 -18.25 4.64
C THR B 43 3.65 -17.76 3.32
N MET B 44 2.40 -17.28 3.35
CA MET B 44 1.81 -16.73 2.15
C MET B 44 2.58 -15.50 1.68
N ASP B 45 2.99 -14.66 2.64
CA ASP B 45 3.83 -13.51 2.29
C ASP B 45 5.14 -13.95 1.66
N SER B 46 5.75 -15.00 2.21
CA SER B 46 7.02 -15.50 1.66
C SER B 46 6.84 -16.07 0.25
N MET B 47 5.72 -16.76 -0.02
CA MET B 47 5.54 -17.32 -1.36
C MET B 47 5.32 -16.23 -2.40
N VAL B 48 4.50 -15.24 -2.09
CA VAL B 48 4.25 -14.17 -3.04
C VAL B 48 5.53 -13.39 -3.29
N LYS B 49 6.32 -13.16 -2.24
CA LYS B 49 7.61 -12.48 -2.41
C LYS B 49 8.52 -13.28 -3.34
N ALA B 50 8.58 -14.60 -3.16
CA ALA B 50 9.45 -15.42 -4.00
C ALA B 50 9.07 -15.30 -5.47
N VAL B 51 7.77 -15.36 -5.78
CA VAL B 51 7.32 -15.24 -7.16
C VAL B 51 7.45 -13.79 -7.65
N PHE B 52 7.11 -12.83 -6.79
CA PHE B 52 7.11 -11.43 -7.21
C PHE B 52 8.53 -10.90 -7.42
N ASP B 53 9.45 -11.24 -6.51
CA ASP B 53 10.82 -10.74 -6.63
C ASP B 53 11.51 -11.27 -7.89
N ARG B 54 11.14 -12.47 -8.33
CA ARG B 54 11.77 -13.12 -9.47
C ARG B 54 11.14 -12.72 -10.79
N GLY B 55 9.89 -12.24 -10.78
CA GLY B 55 9.15 -11.93 -11.98
C GLY B 55 9.15 -10.46 -12.32
N TYR B 56 8.26 -10.09 -13.24
CA TYR B 56 8.11 -8.73 -13.74
C TYR B 56 6.67 -8.26 -13.61
N PHE B 57 5.95 -8.72 -12.60
CA PHE B 57 4.53 -8.41 -12.48
C PHE B 57 4.31 -7.04 -11.85
N SER B 58 3.20 -6.41 -12.22
CA SER B 58 2.80 -5.14 -11.62
C SER B 58 2.29 -5.33 -10.20
N SER B 59 1.56 -6.43 -9.95
CA SER B 59 1.01 -6.68 -8.63
C SER B 59 0.60 -8.13 -8.52
N ILE B 60 0.68 -8.65 -7.29
CA ILE B 60 0.09 -9.94 -6.94
C ILE B 60 -0.73 -9.72 -5.68
N LYS B 61 -1.96 -10.21 -5.67
CA LYS B 61 -2.89 -9.99 -4.57
C LYS B 61 -3.51 -11.31 -4.14
N VAL B 62 -3.64 -11.49 -2.83
CA VAL B 62 -4.30 -12.67 -2.26
C VAL B 62 -5.46 -12.16 -1.41
N GLN B 63 -6.66 -12.64 -1.70
CA GLN B 63 -7.87 -12.31 -0.97
C GLN B 63 -8.47 -13.57 -0.38
N ASP B 64 -9.28 -13.39 0.67
CA ASP B 64 -10.03 -14.51 1.21
C ASP B 64 -11.38 -14.57 0.48
N ILE B 65 -12.30 -15.40 0.98
CA ILE B 65 -13.56 -15.60 0.28
C ILE B 65 -14.42 -14.34 0.32
N LYS B 66 -14.24 -13.49 1.32
CA LYS B 66 -15.00 -12.26 1.46
C LYS B 66 -14.36 -11.07 0.74
N GLY B 67 -13.26 -11.30 0.02
CA GLY B 67 -12.56 -10.24 -0.66
C GLY B 67 -11.61 -9.43 0.19
N LYS B 68 -11.46 -9.75 1.48
CA LYS B 68 -10.54 -9.00 2.32
C LYS B 68 -9.11 -9.35 1.91
N VAL B 69 -8.30 -8.31 1.67
CA VAL B 69 -6.93 -8.47 1.18
C VAL B 69 -6.04 -9.05 2.28
N ILE B 70 -5.39 -10.17 1.98
CA ILE B 70 -4.47 -10.81 2.92
C ILE B 70 -3.01 -10.51 2.57
N ILE B 71 -2.67 -10.55 1.28
CA ILE B 71 -1.32 -10.26 0.81
C ILE B 71 -1.44 -9.33 -0.39
N LEU B 72 -0.60 -8.29 -0.41
CA LEU B 72 -0.58 -7.35 -1.55
C LEU B 72 0.86 -6.92 -1.80
N LYS B 73 1.43 -7.37 -2.91
CA LYS B 73 2.74 -6.93 -3.38
C LYS B 73 2.52 -6.06 -4.60
N LYS B 74 3.09 -4.87 -4.59
CA LYS B 74 2.86 -3.89 -5.66
C LYS B 74 4.17 -3.25 -6.09
N GLN B 75 4.24 -2.91 -7.38
CA GLN B 75 5.41 -2.23 -7.91
C GLN B 75 5.29 -0.73 -7.65
N LEU B 76 6.37 -0.14 -7.16
CA LEU B 76 6.43 1.29 -6.94
C LEU B 76 6.26 2.04 -8.26
N PRO B 77 5.71 3.25 -8.23
CA PRO B 77 5.38 3.94 -9.48
C PRO B 77 6.63 4.34 -10.26
N GLN B 78 6.57 4.09 -11.57
CA GLN B 78 7.69 4.12 -12.49
C GLN B 78 7.62 5.34 -13.41
N GLU B 79 8.80 5.88 -13.71
CA GLU B 79 8.96 7.11 -14.47
C GLU B 79 9.18 6.78 -15.95
N SER B 80 8.64 7.62 -16.82
CA SER B 80 8.68 7.42 -18.27
C SER B 80 8.20 8.72 -18.91
N ASP B 81 8.90 9.39 -19.84
CA ASP B 81 9.97 9.00 -20.80
C ASP B 81 9.33 8.32 -22.02
N ILE B 82 8.00 8.35 -22.06
CA ILE B 82 7.18 7.82 -23.15
C ILE B 82 5.92 8.66 -23.12
N PRO B 83 5.62 9.40 -24.18
CA PRO B 83 4.49 10.32 -24.14
C PRO B 83 3.15 9.58 -24.06
N GLN B 84 2.20 10.20 -23.36
CA GLN B 84 0.91 9.57 -23.13
C GLN B 84 0.15 9.38 -24.43
N TRP B 85 0.29 10.31 -25.38
CA TRP B 85 -0.42 10.18 -26.65
C TRP B 85 -0.03 8.90 -27.37
N PHE B 86 1.23 8.47 -27.24
CA PHE B 86 1.63 7.20 -27.83
C PHE B 86 1.08 6.03 -27.05
N VAL B 87 1.12 6.12 -25.71
CA VAL B 87 0.58 5.05 -24.87
C VAL B 87 -0.91 4.86 -25.17
N ASN B 88 -1.63 5.96 -25.38
CA ASN B 88 -3.05 5.87 -25.69
C ASN B 88 -3.31 5.11 -26.98
N LEU B 89 -2.36 5.16 -27.92
CA LEU B 89 -2.55 4.46 -29.19
C LEU B 89 -2.43 2.95 -29.04
N ILE B 90 -1.71 2.47 -28.01
CA ILE B 90 -1.39 1.06 -27.89
C ILE B 90 -1.90 0.44 -26.60
N LYS B 91 -2.40 1.23 -25.66
CA LYS B 91 -2.77 0.70 -24.36
C LYS B 91 -3.99 -0.21 -24.50
N TRP B 92 -4.08 -1.17 -23.59
CA TRP B 92 -5.17 -2.13 -23.54
C TRP B 92 -5.62 -2.18 -22.08
N PRO B 93 -6.87 -2.54 -21.81
CA PRO B 93 -7.34 -2.49 -20.41
C PRO B 93 -6.43 -3.32 -19.53
N SER B 94 -6.29 -2.86 -18.28
CA SER B 94 -5.29 -3.39 -17.39
C SER B 94 -5.50 -4.88 -17.16
N THR B 95 -4.42 -5.64 -17.35
CA THR B 95 -4.47 -7.08 -17.22
C THR B 95 -4.35 -7.50 -15.77
N GLU B 96 -5.31 -8.31 -15.34
CA GLU B 96 -5.28 -8.93 -14.03
C GLU B 96 -6.00 -10.26 -14.16
N LYS B 97 -5.25 -11.34 -13.99
CA LYS B 97 -5.78 -12.68 -14.05
C LYS B 97 -5.90 -13.25 -12.65
N SER B 98 -6.94 -14.04 -12.43
CA SER B 98 -7.25 -14.57 -11.12
C SER B 98 -7.33 -16.08 -11.20
N SER B 99 -7.26 -16.70 -10.03
CA SER B 99 -7.51 -18.12 -9.89
C SER B 99 -7.97 -18.36 -8.46
N LEU B 100 -8.91 -19.29 -8.31
CA LEU B 100 -9.45 -19.55 -7.00
C LEU B 100 -8.45 -20.41 -6.22
N ILE B 101 -8.38 -20.15 -4.92
CA ILE B 101 -7.59 -20.98 -4.01
C ILE B 101 -8.56 -21.90 -3.30
N MET B 102 -8.30 -23.20 -3.38
CA MET B 102 -9.27 -24.20 -3.01
C MET B 102 -8.82 -24.99 -1.80
N ASP B 103 -9.79 -25.29 -0.93
CA ASP B 103 -9.65 -26.26 0.15
C ASP B 103 -10.52 -27.44 -0.26
N GLY B 104 -9.94 -28.32 -1.07
CA GLY B 104 -10.69 -29.40 -1.70
C GLY B 104 -11.71 -28.84 -2.67
N TRP B 105 -12.99 -29.12 -2.44
CA TRP B 105 -14.05 -28.57 -3.26
C TRP B 105 -14.53 -27.19 -2.79
N MET B 106 -14.15 -26.77 -1.58
CA MET B 106 -14.59 -25.49 -1.05
C MET B 106 -13.64 -24.40 -1.50
N GLN B 107 -14.20 -23.29 -1.95
CA GLN B 107 -13.40 -22.13 -2.33
C GLN B 107 -12.94 -21.41 -1.07
N ALA B 108 -11.64 -21.10 -1.00
CA ALA B 108 -11.04 -20.49 0.19
C ALA B 108 -10.48 -19.09 -0.06
N GLY B 109 -10.53 -18.59 -1.28
CA GLY B 109 -10.04 -17.26 -1.59
C GLY B 109 -9.59 -17.19 -3.03
N VAL B 110 -8.87 -16.11 -3.35
CA VAL B 110 -8.48 -15.81 -4.72
C VAL B 110 -7.09 -15.19 -4.71
N VAL B 111 -6.29 -15.52 -5.74
CA VAL B 111 -5.03 -14.85 -6.03
C VAL B 111 -5.16 -14.13 -7.36
N LEU B 112 -4.71 -12.88 -7.43
CA LEU B 112 -4.86 -12.05 -8.61
C LEU B 112 -3.49 -11.53 -9.03
N VAL B 113 -3.11 -11.80 -10.29
CA VAL B 113 -1.80 -11.43 -10.81
C VAL B 113 -1.97 -10.48 -11.98
N ALA B 114 -1.30 -9.34 -11.92
CA ALA B 114 -1.35 -8.31 -12.95
C ALA B 114 0.02 -8.17 -13.60
N SER B 115 0.06 -8.17 -14.93
CA SER B 115 1.30 -8.00 -15.68
C SER B 115 1.71 -6.52 -15.73
N ASP B 116 2.97 -6.30 -16.09
CA ASP B 116 3.55 -4.96 -16.16
C ASP B 116 3.82 -4.60 -17.63
N PRO B 117 2.98 -3.75 -18.23
CA PRO B 117 3.14 -3.41 -19.65
C PRO B 117 4.33 -2.51 -19.98
N SER B 118 5.11 -2.07 -18.99
CA SER B 118 6.14 -1.06 -19.26
C SER B 118 7.18 -1.54 -20.27
N TYR B 119 7.49 -2.84 -20.30
CA TYR B 119 8.36 -3.33 -21.37
C TYR B 119 7.70 -3.24 -22.73
N VAL B 120 6.41 -3.52 -22.80
CA VAL B 120 5.69 -3.43 -24.07
C VAL B 120 5.66 -1.98 -24.55
N TYR B 121 5.34 -1.06 -23.67
CA TYR B 121 5.33 0.37 -24.03
C TYR B 121 6.69 0.82 -24.54
N ALA B 122 7.76 0.43 -23.85
CA ALA B 122 9.10 0.90 -24.24
C ALA B 122 9.55 0.28 -25.55
N SER B 123 9.28 -1.00 -25.76
CA SER B 123 9.71 -1.65 -27.00
C SER B 123 9.00 -1.07 -28.21
N LEU B 124 7.68 -0.87 -28.11
CA LEU B 124 6.93 -0.30 -29.23
C LEU B 124 7.29 1.16 -29.47
N TRP B 125 7.50 1.93 -28.38
CA TRP B 125 7.84 3.34 -28.54
C TRP B 125 9.21 3.57 -29.15
N ARG B 126 10.21 2.78 -28.75
CA ARG B 126 11.56 3.01 -29.25
C ARG B 126 11.68 2.65 -30.73
N ASN B 127 10.88 1.69 -31.18
CA ASN B 127 11.01 1.15 -32.53
C ASN B 127 9.79 1.40 -33.41
N ALA B 128 8.90 2.29 -32.98
CA ALA B 128 7.73 2.64 -33.80
C ALA B 128 8.16 3.34 -35.08
N VAL B 129 7.59 2.92 -36.21
CA VAL B 129 7.87 3.55 -37.50
C VAL B 129 6.55 4.04 -38.09
N GLU B 130 6.49 5.33 -38.44
CA GLU B 130 5.27 5.92 -38.96
C GLU B 130 5.35 5.94 -40.48
N MET B 131 4.41 5.25 -41.12
CA MET B 131 4.33 5.19 -42.57
C MET B 131 2.88 5.16 -43.06
N THR C 1 -7.21 5.31 46.95
CA THR C 1 -6.42 5.51 45.74
C THR C 1 -6.98 4.70 44.57
N TYR C 2 -7.23 5.38 43.46
CA TYR C 2 -7.87 4.77 42.31
C TYR C 2 -6.88 4.39 41.21
N PHE C 3 -7.18 3.28 40.54
CA PHE C 3 -6.38 2.74 39.45
C PHE C 3 -7.28 2.40 38.27
N ILE C 4 -6.65 2.07 37.15
CA ILE C 4 -7.30 1.39 36.04
C ILE C 4 -6.39 0.24 35.62
N THR C 5 -7.01 -0.83 35.14
CA THR C 5 -6.22 -1.98 34.69
C THR C 5 -5.34 -1.59 33.52
N MET C 6 -4.19 -2.27 33.41
CA MET C 6 -3.28 -2.00 32.30
C MET C 6 -3.93 -2.28 30.95
N ASN C 7 -4.79 -3.30 30.87
CA ASN C 7 -5.44 -3.61 29.60
C ASN C 7 -6.38 -2.47 29.18
N ASN C 8 -7.11 -1.89 30.14
CA ASN C 8 -7.97 -0.77 29.82
C ASN C 8 -7.15 0.47 29.47
N ALA C 9 -6.05 0.69 30.20
CA ALA C 9 -5.15 1.78 29.85
C ALA C 9 -4.59 1.61 28.43
N ARG C 10 -4.21 0.39 28.07
CA ARG C 10 -3.71 0.14 26.72
C ARG C 10 -4.76 0.53 25.69
N ASN C 11 -6.01 0.11 25.90
CA ASN C 11 -7.06 0.41 24.94
C ASN C 11 -7.31 1.91 24.84
N PHE C 12 -7.43 2.59 25.99
CA PHE C 12 -7.67 4.03 25.98
C PHE C 12 -6.49 4.78 25.36
N PHE C 13 -5.26 4.39 25.70
CA PHE C 13 -4.10 5.11 25.20
C PHE C 13 -3.99 4.98 23.69
N ILE C 14 -4.17 3.76 23.17
CA ILE C 14 -4.14 3.52 21.73
C ILE C 14 -5.22 4.34 21.02
N GLN C 15 -6.43 4.37 21.58
CA GLN C 15 -7.50 5.14 20.97
C GLN C 15 -7.13 6.61 20.85
N GLN C 16 -6.50 7.16 21.89
CA GLN C 16 -6.15 8.58 21.86
C GLN C 16 -5.06 8.85 20.84
N LEU C 17 -4.10 7.93 20.69
CA LEU C 17 -3.06 8.11 19.70
C LEU C 17 -3.61 8.00 18.29
N GLU C 18 -4.51 7.05 18.06
CA GLU C 18 -5.09 6.86 16.74
C GLU C 18 -5.98 8.05 16.36
N SER C 19 -6.74 8.57 17.33
CA SER C 19 -7.54 9.77 17.09
C SER C 19 -6.65 10.97 16.77
N ASN C 20 -5.54 11.10 17.50
CA ASN C 20 -4.62 12.21 17.26
C ASN C 20 -4.00 12.12 15.87
N ALA C 21 -3.68 10.91 15.42
CA ALA C 21 -3.09 10.74 14.09
C ALA C 21 -4.06 11.20 13.01
N GLN C 22 -5.36 10.96 13.20
CA GLN C 22 -6.34 11.41 12.21
C GLN C 22 -6.45 12.94 12.22
N ASP C 23 -6.48 13.56 13.40
CA ASP C 23 -6.60 15.01 13.47
C ASP C 23 -5.38 15.69 12.86
N THR C 24 -4.18 15.14 13.11
CA THR C 24 -2.98 15.70 12.51
C THR C 24 -2.99 15.53 11.00
N ALA C 25 -3.43 14.37 10.50
CA ALA C 25 -3.52 14.18 9.05
C ALA C 25 -4.45 15.23 8.44
N THR C 26 -5.57 15.50 9.09
CA THR C 26 -6.53 16.46 8.56
C THR C 26 -5.95 17.87 8.53
N SER C 27 -5.36 18.31 9.65
CA SER C 27 -4.85 19.68 9.71
C SER C 27 -3.60 19.86 8.86
N LEU C 28 -2.72 18.85 8.84
CA LEU C 28 -1.54 18.93 7.98
C LEU C 28 -1.92 18.86 6.51
N GLY C 29 -2.87 17.98 6.17
CA GLY C 29 -3.32 17.90 4.78
C GLY C 29 -3.92 19.20 4.29
N LEU C 30 -4.68 19.88 5.16
CA LEU C 30 -5.24 21.18 4.79
C LEU C 30 -4.13 22.21 4.57
N SER C 31 -3.13 22.23 5.44
CA SER C 31 -2.07 23.22 5.31
C SER C 31 -1.21 22.97 4.07
N LEU C 32 -1.02 21.71 3.69
CA LEU C 32 -0.22 21.42 2.50
C LEU C 32 -0.99 21.70 1.22
N SER C 33 -2.30 21.93 1.33
CA SER C 33 -3.17 22.20 0.20
C SER C 33 -3.06 23.63 -0.29
N GLN C 34 -2.50 24.53 0.54
CA GLN C 34 -2.52 25.95 0.27
C GLN C 34 -1.39 26.35 -0.68
N SER C 35 -1.71 27.23 -1.64
CA SER C 35 -0.72 27.91 -2.48
C SER C 35 0.29 26.97 -3.14
N LEU C 36 -0.17 25.77 -3.54
CA LEU C 36 0.69 24.81 -4.23
C LEU C 36 1.92 24.45 -3.40
N ILE C 37 1.78 24.52 -2.07
CA ILE C 37 2.88 24.21 -1.16
C ILE C 37 3.39 22.78 -1.37
N ASN C 38 2.48 21.85 -1.68
CA ASN C 38 2.90 20.46 -1.81
C ASN C 38 3.78 20.23 -3.04
N HIS C 39 3.92 21.20 -3.93
CA HIS C 39 4.85 21.08 -5.04
C HIS C 39 6.20 21.70 -4.72
N ASP C 40 6.28 22.43 -3.61
CA ASP C 40 7.52 23.04 -3.12
C ASP C 40 8.06 22.05 -2.10
N VAL C 41 8.85 21.09 -2.56
CA VAL C 41 9.32 20.02 -1.69
C VAL C 41 10.12 20.54 -0.50
N PRO C 42 11.08 21.45 -0.66
CA PRO C 42 11.80 21.94 0.53
C PRO C 42 10.90 22.58 1.58
N THR C 43 9.90 23.35 1.16
CA THR C 43 8.99 23.97 2.11
C THR C 43 8.07 22.93 2.76
N MET C 44 7.54 22.00 1.95
CA MET C 44 6.71 20.94 2.50
C MET C 44 7.48 20.07 3.49
N ASP C 45 8.75 19.78 3.16
CA ASP C 45 9.59 18.99 4.07
C ASP C 45 9.74 19.66 5.43
N SER C 46 9.98 20.97 5.44
CA SER C 46 10.09 21.69 6.71
C SER C 46 8.77 21.66 7.46
N MET C 47 7.66 21.74 6.73
CA MET C 47 6.34 21.74 7.37
C MET C 47 6.03 20.38 8.00
N VAL C 48 6.33 19.30 7.28
CA VAL C 48 6.11 17.96 7.83
C VAL C 48 7.05 17.70 9.00
N LYS C 49 8.30 18.15 8.89
CA LYS C 49 9.25 17.97 9.99
C LYS C 49 8.77 18.67 11.26
N ALA C 50 8.25 19.89 11.12
CA ALA C 50 7.75 20.63 12.27
C ALA C 50 6.62 19.87 12.96
N VAL C 51 5.70 19.30 12.19
CA VAL C 51 4.59 18.55 12.76
C VAL C 51 5.11 17.25 13.38
N PHE C 52 6.08 16.61 12.72
CA PHE C 52 6.61 15.36 13.24
C PHE C 52 7.40 15.57 14.52
N ASP C 53 8.24 16.61 14.57
CA ASP C 53 9.06 16.83 15.75
C ASP C 53 8.24 17.13 16.99
N ARG C 54 7.07 17.74 16.82
CA ARG C 54 6.23 18.10 17.97
C ARG C 54 5.29 16.98 18.39
N GLY C 55 5.07 15.97 17.54
CA GLY C 55 4.09 14.93 17.82
C GLY C 55 4.71 13.67 18.39
N TYR C 56 3.88 12.61 18.41
CA TYR C 56 4.25 11.32 18.98
C TYR C 56 3.99 10.21 17.97
N PHE C 57 4.09 10.53 16.69
CA PHE C 57 3.72 9.62 15.63
C PHE C 57 4.87 8.68 15.28
N SER C 58 4.51 7.50 14.78
CA SER C 58 5.54 6.59 14.29
C SER C 58 6.13 7.09 12.98
N SER C 59 5.30 7.69 12.13
CA SER C 59 5.74 8.19 10.83
C SER C 59 4.71 9.14 10.26
N ILE C 60 5.18 10.07 9.44
CA ILE C 60 4.34 10.88 8.57
C ILE C 60 4.89 10.73 7.17
N LYS C 61 4.02 10.43 6.22
CA LYS C 61 4.42 10.17 4.84
C LYS C 61 3.52 10.95 3.89
N VAL C 62 4.12 11.50 2.85
CA VAL C 62 3.42 12.25 1.81
C VAL C 62 3.64 11.55 0.47
N GLN C 63 2.53 11.25 -0.22
CA GLN C 63 2.57 10.72 -1.57
C GLN C 63 1.95 11.74 -2.51
N ASP C 64 2.37 11.72 -3.78
CA ASP C 64 1.78 12.60 -4.77
C ASP C 64 0.59 11.92 -5.44
N ILE C 65 0.07 12.53 -6.51
CA ILE C 65 -1.13 12.01 -7.17
C ILE C 65 -0.85 10.66 -7.82
N LYS C 66 0.40 10.38 -8.16
CA LYS C 66 0.79 9.10 -8.74
C LYS C 66 1.18 8.05 -7.70
N GLY C 67 1.05 8.35 -6.41
CA GLY C 67 1.41 7.41 -5.37
C GLY C 67 2.88 7.36 -5.01
N LYS C 68 3.73 8.15 -5.67
CA LYS C 68 5.15 8.16 -5.32
C LYS C 68 5.37 8.83 -3.98
N VAL C 69 6.15 8.19 -3.11
CA VAL C 69 6.42 8.77 -1.80
C VAL C 69 7.33 9.98 -2.00
N ILE C 70 6.88 11.14 -1.53
CA ILE C 70 7.62 12.38 -1.67
C ILE C 70 8.36 12.72 -0.38
N ILE C 71 7.72 12.51 0.77
CA ILE C 71 8.29 12.79 2.07
C ILE C 71 8.00 11.62 3.00
N LEU C 72 9.01 11.22 3.78
CA LEU C 72 8.85 10.17 4.77
C LEU C 72 9.66 10.56 6.00
N LYS C 73 8.96 10.88 7.09
CA LYS C 73 9.59 11.13 8.38
C LYS C 73 9.23 9.95 9.27
N LYS C 74 10.24 9.28 9.84
CA LYS C 74 9.98 8.09 10.64
C LYS C 74 10.82 8.12 11.91
N GLN C 75 10.32 7.44 12.95
CA GLN C 75 11.03 7.38 14.23
C GLN C 75 12.26 6.51 14.09
N LEU C 76 13.39 7.01 14.57
CA LEU C 76 14.62 6.22 14.52
C LEU C 76 14.48 4.99 15.41
N PRO C 77 15.03 3.85 14.98
CA PRO C 77 14.84 2.60 15.75
C PRO C 77 15.76 2.59 16.96
N GLN C 78 15.17 2.33 18.13
CA GLN C 78 15.85 2.48 19.41
C GLN C 78 15.72 1.22 20.26
N GLU C 79 16.84 0.83 20.86
CA GLU C 79 16.90 -0.32 21.75
C GLU C 79 15.85 -0.16 22.85
N SER C 80 15.28 -1.28 23.29
CA SER C 80 14.16 -1.23 24.22
C SER C 80 14.41 -2.10 25.45
N ASP C 81 14.26 -1.48 26.61
CA ASP C 81 14.38 -2.12 27.92
C ASP C 81 13.14 -2.92 28.30
N ILE C 82 12.24 -3.20 27.38
CA ILE C 82 10.94 -3.80 27.72
C ILE C 82 10.97 -5.27 27.29
N PRO C 83 10.81 -6.21 28.22
CA PRO C 83 10.88 -7.63 27.86
C PRO C 83 9.69 -8.05 27.00
N GLN C 84 9.93 -9.09 26.19
CA GLN C 84 8.92 -9.53 25.24
C GLN C 84 7.65 -10.01 25.94
N TRP C 85 7.80 -10.65 27.11
CA TRP C 85 6.62 -11.14 27.81
C TRP C 85 5.67 -10.00 28.18
N PHE C 86 6.21 -8.82 28.49
CA PHE C 86 5.37 -7.68 28.80
C PHE C 86 4.71 -7.12 27.54
N VAL C 87 5.47 -7.03 26.44
CA VAL C 87 4.92 -6.54 25.19
C VAL C 87 3.79 -7.45 24.71
N ASN C 88 3.93 -8.77 24.92
CA ASN C 88 2.90 -9.71 24.51
C ASN C 88 1.58 -9.45 25.20
N LEU C 89 1.61 -8.88 26.40
CA LEU C 89 0.37 -8.61 27.12
C LEU C 89 -0.40 -7.44 26.50
N ILE C 90 0.30 -6.52 25.82
CA ILE C 90 -0.29 -5.25 25.44
C ILE C 90 -0.19 -4.92 23.96
N LYS C 91 0.51 -5.74 23.17
CA LYS C 91 0.86 -5.29 21.82
C LYS C 91 -0.36 -5.08 20.95
N TRP C 92 -0.30 -4.02 20.14
CA TRP C 92 -1.36 -3.60 19.23
C TRP C 92 -0.75 -3.09 17.92
N PRO C 93 -1.40 -3.34 16.78
CA PRO C 93 -0.86 -2.90 15.50
C PRO C 93 -0.91 -1.38 15.31
N SER C 94 0.09 -0.86 14.60
CA SER C 94 0.12 0.55 14.23
C SER C 94 -0.89 0.84 13.13
N THR C 95 -1.78 1.79 13.36
CA THR C 95 -2.76 2.21 12.35
C THR C 95 -2.25 3.46 11.61
N GLU C 96 -2.54 3.55 10.31
CA GLU C 96 -2.19 4.71 9.50
C GLU C 96 -3.43 5.49 9.09
N LYS C 97 -3.49 6.78 9.45
CA LYS C 97 -4.60 7.66 9.13
C LYS C 97 -4.23 8.59 7.97
N SER C 98 -5.21 8.92 7.13
CA SER C 98 -4.95 9.68 5.91
C SER C 98 -5.81 10.94 5.82
N SER C 99 -5.37 11.85 4.95
CA SER C 99 -6.13 13.03 4.53
C SER C 99 -5.58 13.51 3.20
N LEU C 100 -6.45 14.06 2.36
CA LEU C 100 -6.09 14.45 1.01
C LEU C 100 -5.29 15.76 0.96
N ILE C 101 -4.37 15.82 -0.01
CA ILE C 101 -3.66 17.05 -0.36
C ILE C 101 -4.23 17.57 -1.67
N MET C 102 -4.72 18.81 -1.67
CA MET C 102 -5.51 19.35 -2.77
C MET C 102 -4.85 20.59 -3.37
N ASP C 103 -4.95 20.71 -4.70
CA ASP C 103 -4.67 21.96 -5.41
C ASP C 103 -6.00 22.46 -5.97
N GLY C 104 -6.75 23.18 -5.15
CA GLY C 104 -8.07 23.61 -5.58
C GLY C 104 -8.98 22.41 -5.77
N TRP C 105 -9.46 22.21 -7.00
CA TRP C 105 -10.29 21.07 -7.32
C TRP C 105 -9.49 19.82 -7.66
N MET C 106 -8.19 19.96 -7.95
CA MET C 106 -7.36 18.86 -8.38
C MET C 106 -6.73 18.16 -7.18
N GLN C 107 -6.78 16.83 -7.18
CA GLN C 107 -6.11 16.07 -6.12
C GLN C 107 -4.61 16.07 -6.36
N ALA C 108 -3.85 16.32 -5.30
CA ALA C 108 -2.40 16.37 -5.40
C ALA C 108 -1.70 15.30 -4.58
N GLY C 109 -2.43 14.48 -3.84
CA GLY C 109 -1.80 13.42 -3.09
C GLY C 109 -2.53 13.19 -1.78
N VAL C 110 -1.82 12.54 -0.86
CA VAL C 110 -2.36 12.17 0.44
C VAL C 110 -1.23 12.27 1.46
N VAL C 111 -1.58 12.65 2.68
CA VAL C 111 -0.65 12.62 3.80
C VAL C 111 -1.10 11.51 4.75
N LEU C 112 -0.15 10.70 5.20
CA LEU C 112 -0.43 9.50 5.98
C LEU C 112 0.30 9.57 7.30
N VAL C 113 -0.46 9.49 8.39
CA VAL C 113 0.08 9.61 9.74
C VAL C 113 -0.18 8.29 10.45
N ALA C 114 0.88 7.70 11.00
CA ALA C 114 0.81 6.38 11.61
C ALA C 114 1.02 6.48 13.11
N SER C 115 0.21 5.75 13.86
CA SER C 115 0.35 5.77 15.30
C SER C 115 1.55 4.93 15.73
N ASP C 116 2.05 5.21 16.93
CA ASP C 116 3.20 4.51 17.47
C ASP C 116 2.79 3.77 18.74
N PRO C 117 2.48 2.47 18.65
CA PRO C 117 2.08 1.76 19.87
C PRO C 117 3.25 1.52 20.82
N SER C 118 4.49 1.65 20.34
CA SER C 118 5.64 1.45 21.21
C SER C 118 5.70 2.52 22.28
N TYR C 119 5.19 3.72 21.97
CA TYR C 119 5.11 4.77 22.98
C TYR C 119 4.19 4.35 24.11
N VAL C 120 3.08 3.70 23.78
CA VAL C 120 2.19 3.15 24.80
C VAL C 120 2.91 2.04 25.57
N TYR C 121 3.64 1.17 24.87
CA TYR C 121 4.39 0.11 25.54
C TYR C 121 5.32 0.70 26.58
N ALA C 122 6.03 1.77 26.22
CA ALA C 122 6.99 2.37 27.13
C ALA C 122 6.29 3.04 28.30
N SER C 123 5.16 3.70 28.04
CA SER C 123 4.42 4.35 29.12
C SER C 123 3.88 3.34 30.12
N LEU C 124 3.31 2.23 29.63
CA LEU C 124 2.78 1.21 30.52
C LEU C 124 3.89 0.50 31.28
N TRP C 125 5.04 0.24 30.63
CA TRP C 125 6.12 -0.43 31.32
C TRP C 125 6.66 0.43 32.44
N ARG C 126 6.74 1.74 32.22
CA ARG C 126 7.25 2.65 33.24
C ARG C 126 6.29 2.79 34.42
N ASN C 127 4.99 2.69 34.19
CA ASN C 127 4.01 2.96 35.24
C ASN C 127 3.21 1.73 35.65
N ALA C 128 3.59 0.55 35.20
CA ALA C 128 2.87 -0.66 35.61
C ALA C 128 3.05 -0.90 37.10
N VAL C 129 1.94 -1.16 37.78
CA VAL C 129 1.91 -1.49 39.21
C VAL C 129 1.22 -2.83 39.36
N GLU C 130 1.87 -3.74 40.07
CA GLU C 130 1.38 -5.10 40.26
C GLU C 130 0.63 -5.17 41.57
N MET C 131 -0.64 -5.57 41.50
CA MET C 131 -1.48 -5.70 42.70
C MET C 131 -2.42 -6.90 42.57
N THR D 1 -1.98 -9.34 37.90
CA THR D 1 -2.65 -8.34 37.07
C THR D 1 -2.06 -6.94 37.30
N TYR D 2 -1.71 -6.26 36.22
CA TYR D 2 -1.03 -4.98 36.29
C TYR D 2 -2.03 -3.84 36.15
N PHE D 3 -1.74 -2.74 36.86
CA PHE D 3 -2.55 -1.54 36.84
C PHE D 3 -1.67 -0.33 36.58
N ILE D 4 -2.32 0.81 36.35
CA ILE D 4 -1.65 2.10 36.42
C ILE D 4 -2.52 2.99 37.30
N THR D 5 -1.85 3.90 38.02
CA THR D 5 -2.60 4.81 38.87
C THR D 5 -3.50 5.71 38.02
N MET D 6 -4.59 6.16 38.62
CA MET D 6 -5.48 7.07 37.92
C MET D 6 -4.74 8.36 37.57
N ASN D 7 -3.80 8.77 38.43
CA ASN D 7 -3.01 9.97 38.18
C ASN D 7 -2.13 9.81 36.94
N ASN D 8 -1.56 8.63 36.74
CA ASN D 8 -0.72 8.42 35.56
C ASN D 8 -1.54 8.39 34.28
N ALA D 9 -2.73 7.77 34.33
CA ALA D 9 -3.63 7.85 33.18
C ALA D 9 -3.98 9.30 32.90
N ARG D 10 -4.21 10.09 33.96
CA ARG D 10 -4.48 11.52 33.81
C ARG D 10 -3.35 12.23 33.08
N ASN D 11 -2.09 11.93 33.46
CA ASN D 11 -0.95 12.60 32.83
C ASN D 11 -0.88 12.30 31.34
N PHE D 12 -1.16 11.05 30.94
CA PHE D 12 -1.10 10.70 29.53
C PHE D 12 -2.10 11.53 28.73
N PHE D 13 -3.35 11.60 29.21
CA PHE D 13 -4.39 12.31 28.46
C PHE D 13 -4.12 13.81 28.42
N ILE D 14 -3.64 14.40 29.52
CA ILE D 14 -3.29 15.81 29.50
C ILE D 14 -2.25 16.08 28.42
N GLN D 15 -1.22 15.23 28.35
CA GLN D 15 -0.17 15.39 27.36
C GLN D 15 -0.72 15.27 25.94
N GLN D 16 -1.50 14.21 25.68
CA GLN D 16 -1.97 13.94 24.32
C GLN D 16 -3.06 14.91 23.89
N LEU D 17 -3.93 15.33 24.82
CA LEU D 17 -4.96 16.29 24.46
C LEU D 17 -4.37 17.66 24.17
N GLU D 18 -3.42 18.11 25.00
CA GLU D 18 -2.80 19.42 24.77
C GLU D 18 -1.97 19.42 23.51
N SER D 19 -1.25 18.34 23.24
N SER D 19 -1.27 18.33 23.21
CA SER D 19 -0.46 18.24 22.02
CA SER D 19 -0.46 18.29 22.00
C SER D 19 -1.35 18.30 20.78
C SER D 19 -1.34 18.28 20.75
N ASN D 20 -2.47 17.58 20.80
CA ASN D 20 -3.37 17.56 19.65
C ASN D 20 -4.02 18.91 19.43
N ALA D 21 -4.48 19.56 20.50
CA ALA D 21 -5.10 20.87 20.35
C ALA D 21 -4.10 21.90 19.84
N GLN D 22 -2.85 21.82 20.32
CA GLN D 22 -1.82 22.74 19.84
C GLN D 22 -1.46 22.45 18.39
N ASP D 23 -1.37 21.17 18.02
CA ASP D 23 -1.01 20.81 16.66
C ASP D 23 -2.06 21.30 15.67
N THR D 24 -3.34 21.13 15.99
CA THR D 24 -4.40 21.63 15.12
C THR D 24 -4.40 23.16 15.07
N ALA D 25 -4.20 23.81 16.22
CA ALA D 25 -4.15 25.26 16.24
C ALA D 25 -3.03 25.80 15.36
N THR D 26 -1.85 25.19 15.42
CA THR D 26 -0.72 25.67 14.62
C THR D 26 -0.96 25.46 13.13
N SER D 27 -1.37 24.26 12.74
CA SER D 27 -1.56 23.97 11.31
C SER D 27 -2.76 24.73 10.75
N LEU D 28 -3.83 24.85 11.53
CA LEU D 28 -4.98 25.64 11.08
C LEU D 28 -4.63 27.12 10.99
N GLY D 29 -3.82 27.60 11.93
CA GLY D 29 -3.38 28.99 11.87
C GLY D 29 -2.62 29.31 10.60
N LEU D 30 -1.80 28.38 10.13
CA LEU D 30 -1.12 28.57 8.86
C LEU D 30 -2.12 28.59 7.70
N SER D 31 -3.09 27.68 7.71
CA SER D 31 -4.04 27.58 6.61
C SER D 31 -4.96 28.79 6.53
N LEU D 32 -5.30 29.38 7.67
CA LEU D 32 -6.18 30.53 7.77
C LEU D 32 -5.53 31.86 7.36
N SER D 33 -4.24 31.88 7.03
CA SER D 33 -3.54 33.15 6.93
C SER D 33 -3.99 33.98 5.73
N GLN D 34 -4.44 33.35 4.65
CA GLN D 34 -4.82 34.14 3.46
C GLN D 34 -6.25 34.66 3.57
N SER D 35 -7.19 33.80 3.97
CA SER D 35 -8.56 34.24 4.14
C SER D 35 -8.73 35.25 5.27
N LEU D 36 -7.87 35.21 6.28
CA LEU D 36 -7.97 36.22 7.34
C LEU D 36 -7.45 37.56 6.86
N ILE D 37 -6.34 37.57 6.12
CA ILE D 37 -5.83 38.81 5.55
C ILE D 37 -6.87 39.43 4.62
N ASN D 38 -7.49 38.60 3.79
CA ASN D 38 -8.50 39.02 2.83
C ASN D 38 -9.86 39.30 3.46
N HIS D 39 -10.05 39.01 4.75
CA HIS D 39 -11.32 39.25 5.43
C HIS D 39 -12.42 38.39 4.80
N ASP D 40 -12.04 37.18 4.38
CA ASP D 40 -12.95 36.26 3.70
C ASP D 40 -13.59 35.34 4.74
N VAL D 41 -14.69 35.80 5.35
CA VAL D 41 -15.36 35.03 6.39
C VAL D 41 -15.90 33.70 5.86
N PRO D 42 -16.58 33.63 4.71
CA PRO D 42 -17.07 32.32 4.25
C PRO D 42 -15.97 31.28 4.08
N THR D 43 -14.79 31.66 3.60
CA THR D 43 -13.71 30.69 3.47
C THR D 43 -13.18 30.28 4.83
N MET D 44 -13.01 31.24 5.75
CA MET D 44 -12.56 30.90 7.10
C MET D 44 -13.58 30.00 7.80
N ASP D 45 -14.86 30.32 7.66
CA ASP D 45 -15.91 29.48 8.22
C ASP D 45 -15.87 28.08 7.64
N SER D 46 -15.71 27.98 6.32
CA SER D 46 -15.62 26.68 5.68
C SER D 46 -14.39 25.92 6.12
N MET D 47 -13.28 26.63 6.33
CA MET D 47 -12.05 25.98 6.76
C MET D 47 -12.16 25.43 8.18
N VAL D 48 -12.73 26.23 9.09
CA VAL D 48 -12.92 25.77 10.47
C VAL D 48 -13.93 24.62 10.49
N LYS D 49 -14.97 24.70 9.66
CA LYS D 49 -15.96 23.64 9.60
C LYS D 49 -15.33 22.31 9.18
N ALA D 50 -14.44 22.34 8.19
CA ALA D 50 -13.81 21.10 7.72
C ALA D 50 -13.03 20.43 8.84
N VAL D 51 -12.26 21.21 9.61
CA VAL D 51 -11.49 20.64 10.71
C VAL D 51 -12.41 20.24 11.86
N PHE D 52 -13.40 21.08 12.16
CA PHE D 52 -14.26 20.82 13.32
C PHE D 52 -15.18 19.62 13.07
N ASP D 53 -15.76 19.52 11.87
CA ASP D 53 -16.70 18.43 11.60
C ASP D 53 -16.01 17.07 11.65
N ARG D 54 -14.73 17.01 11.29
CA ARG D 54 -14.00 15.74 11.26
C ARG D 54 -13.36 15.39 12.60
N GLY D 55 -13.14 16.37 13.47
CA GLY D 55 -12.43 16.15 14.72
C GLY D 55 -13.35 15.93 15.89
N TYR D 56 -12.76 16.01 17.09
CA TYR D 56 -13.49 15.78 18.33
C TYR D 56 -13.29 16.94 19.30
N PHE D 57 -13.11 18.15 18.77
CA PHE D 57 -12.81 19.30 19.61
C PHE D 57 -14.08 19.89 20.20
N SER D 58 -13.94 20.50 21.37
CA SER D 58 -15.08 21.19 21.99
C SER D 58 -15.36 22.51 21.28
N SER D 59 -14.32 23.21 20.84
CA SER D 59 -14.54 24.49 20.16
C SER D 59 -13.29 24.89 19.39
N ILE D 60 -13.52 25.59 18.27
CA ILE D 60 -12.48 26.29 17.54
C ILE D 60 -12.96 27.71 17.26
N LYS D 61 -12.13 28.70 17.60
CA LYS D 61 -12.51 30.10 17.44
C LYS D 61 -11.37 30.87 16.80
N VAL D 62 -11.73 31.82 15.93
CA VAL D 62 -10.77 32.69 15.26
C VAL D 62 -11.09 34.13 15.65
N GLN D 63 -10.09 34.84 16.16
CA GLN D 63 -10.19 36.23 16.57
C GLN D 63 -9.23 37.10 15.77
N ASP D 64 -9.53 38.39 15.71
CA ASP D 64 -8.60 39.36 15.14
C ASP D 64 -7.67 39.87 16.24
N ILE D 65 -6.95 40.96 15.96
CA ILE D 65 -5.96 41.47 16.91
C ILE D 65 -6.63 42.02 18.16
N LYS D 66 -7.86 42.51 18.06
CA LYS D 66 -8.57 43.07 19.20
C LYS D 66 -9.37 42.03 19.97
N GLY D 67 -9.26 40.75 19.61
CA GLY D 67 -10.02 39.73 20.28
C GLY D 67 -11.45 39.57 19.80
N LYS D 68 -11.86 40.34 18.79
CA LYS D 68 -13.23 40.19 18.29
C LYS D 68 -13.34 38.87 17.56
N VAL D 69 -14.34 38.07 17.94
CA VAL D 69 -14.55 36.74 17.40
C VAL D 69 -15.06 36.85 15.96
N ILE D 70 -14.37 36.21 15.04
CA ILE D 70 -14.76 36.17 13.64
C ILE D 70 -15.46 34.86 13.29
N ILE D 71 -14.95 33.74 13.83
CA ILE D 71 -15.55 32.43 13.66
C ILE D 71 -15.55 31.76 15.03
N LEU D 72 -16.67 31.12 15.37
CA LEU D 72 -16.77 30.38 16.62
C LEU D 72 -17.56 29.12 16.37
N LYS D 73 -16.88 27.98 16.41
CA LYS D 73 -17.52 26.68 16.33
C LYS D 73 -17.44 26.07 17.72
N LYS D 74 -18.58 25.69 18.26
CA LYS D 74 -18.66 25.16 19.61
C LYS D 74 -19.56 23.94 19.56
N GLN D 75 -19.25 22.95 20.40
CA GLN D 75 -20.07 21.75 20.47
C GLN D 75 -20.40 21.49 21.92
N LEU D 76 -21.69 21.44 22.22
CA LEU D 76 -22.13 21.15 23.58
C LEU D 76 -21.92 19.67 23.90
N PRO D 77 -21.29 19.34 25.02
CA PRO D 77 -21.04 17.93 25.35
C PRO D 77 -21.93 17.41 26.48
N GLN D 78 -22.81 18.25 26.99
CA GLN D 78 -23.16 18.27 28.43
C GLN D 78 -24.23 17.24 28.72
N GLU D 79 -23.77 16.03 29.01
CA GLU D 79 -24.39 15.24 30.05
C GLU D 79 -23.29 14.59 30.88
N SER D 80 -23.53 14.60 32.19
CA SER D 80 -22.59 14.07 33.16
C SER D 80 -23.37 13.21 34.14
N ASP D 81 -23.02 11.93 34.20
CA ASP D 81 -23.49 11.01 35.23
C ASP D 81 -22.35 10.60 36.13
N ILE D 82 -21.25 11.35 36.07
CA ILE D 82 -20.04 11.05 36.84
C ILE D 82 -20.13 11.89 38.11
N PRO D 83 -20.08 11.29 39.29
CA PRO D 83 -20.22 12.07 40.51
C PRO D 83 -19.06 13.05 40.62
N GLN D 84 -19.34 14.20 41.23
CA GLN D 84 -18.37 15.29 41.22
C GLN D 84 -17.08 14.91 41.92
N TRP D 85 -17.16 14.07 42.97
CA TRP D 85 -15.94 13.71 43.69
C TRP D 85 -14.94 13.03 42.76
N PHE D 86 -15.43 12.24 41.81
CA PHE D 86 -14.51 11.61 40.87
C PHE D 86 -14.01 12.62 39.85
N VAL D 87 -14.90 13.49 39.35
CA VAL D 87 -14.46 14.52 38.41
C VAL D 87 -13.39 15.39 39.05
N ASN D 88 -13.58 15.75 40.32
CA ASN D 88 -12.56 16.51 41.04
C ASN D 88 -11.26 15.73 41.17
N LEU D 89 -11.35 14.40 41.22
CA LEU D 89 -10.16 13.58 41.41
C LEU D 89 -9.28 13.54 40.16
N ILE D 90 -9.86 13.73 38.97
CA ILE D 90 -9.13 13.54 37.73
C ILE D 90 -9.11 14.79 36.86
N LYS D 91 -9.89 15.82 37.21
CA LYS D 91 -10.03 16.96 36.33
C LYS D 91 -8.72 17.72 36.21
N TRP D 92 -8.52 18.32 35.06
CA TRP D 92 -7.37 19.15 34.73
C TRP D 92 -7.92 20.37 34.04
N PRO D 93 -7.29 21.53 34.19
CA PRO D 93 -7.86 22.74 33.60
C PRO D 93 -7.92 22.57 32.09
N SER D 94 -8.97 23.11 31.48
CA SER D 94 -9.11 22.96 30.04
C SER D 94 -8.01 23.79 29.40
N THR D 95 -7.09 23.11 28.71
CA THR D 95 -5.96 23.79 28.09
C THR D 95 -6.32 24.10 26.65
N GLU D 96 -6.98 25.23 26.46
CA GLU D 96 -7.23 25.75 25.13
C GLU D 96 -5.90 26.18 24.53
N LYS D 97 -5.54 25.60 23.39
CA LYS D 97 -4.28 25.93 22.74
C LYS D 97 -4.51 26.94 21.63
N SER D 98 -3.54 27.84 21.47
N SER D 98 -3.56 27.86 21.47
CA SER D 98 -3.64 28.97 20.57
CA SER D 98 -3.68 28.95 20.53
C SER D 98 -2.47 28.97 19.59
C SER D 98 -2.46 29.00 19.62
N SER D 99 -2.62 29.74 18.52
CA SER D 99 -1.53 30.01 17.60
C SER D 99 -1.85 31.32 16.89
N LEU D 100 -0.81 32.12 16.66
CA LEU D 100 -1.03 33.40 16.00
C LEU D 100 -1.19 33.17 14.51
N ILE D 101 -2.05 33.97 13.89
CA ILE D 101 -2.21 33.97 12.44
C ILE D 101 -1.44 35.18 11.93
N MET D 102 -0.52 34.94 11.00
CA MET D 102 0.48 35.94 10.64
C MET D 102 0.35 36.37 9.19
N ASP D 103 0.56 37.66 8.97
CA ASP D 103 0.79 38.25 7.65
C ASP D 103 2.25 38.69 7.67
N GLY D 104 3.15 37.76 7.36
CA GLY D 104 4.57 38.01 7.50
C GLY D 104 4.94 38.18 8.95
N TRP D 105 5.48 39.34 9.32
CA TRP D 105 5.83 39.63 10.70
C TRP D 105 4.68 40.24 11.50
N MET D 106 3.63 40.70 10.83
CA MET D 106 2.51 41.33 11.52
C MET D 106 1.51 40.27 11.96
N GLN D 107 1.05 40.38 13.20
CA GLN D 107 0.01 39.50 13.71
C GLN D 107 -1.33 39.92 13.14
N ALA D 108 -2.10 38.95 12.66
CA ALA D 108 -3.40 39.23 12.05
C ALA D 108 -4.55 38.64 12.84
N GLY D 109 -4.27 37.90 13.91
CA GLY D 109 -5.30 37.32 14.74
C GLY D 109 -4.79 36.04 15.37
N VAL D 110 -5.74 35.27 15.92
CA VAL D 110 -5.42 34.07 16.68
C VAL D 110 -6.49 33.02 16.41
N VAL D 111 -6.07 31.75 16.38
CA VAL D 111 -6.99 30.61 16.35
C VAL D 111 -6.82 29.85 17.66
N LEU D 112 -7.94 29.48 18.28
CA LEU D 112 -7.93 28.82 19.58
C LEU D 112 -8.71 27.51 19.49
N VAL D 113 -8.06 26.41 19.86
CA VAL D 113 -8.63 25.08 19.75
C VAL D 113 -8.69 24.45 21.14
N ALA D 114 -9.88 23.99 21.53
CA ALA D 114 -10.11 23.40 22.84
C ALA D 114 -10.52 21.94 22.69
N SER D 115 -9.89 21.06 23.48
CA SER D 115 -10.18 19.63 23.52
C SER D 115 -11.42 19.35 24.36
N ASP D 116 -11.97 18.14 24.18
CA ASP D 116 -13.17 17.71 24.89
C ASP D 116 -12.83 16.56 25.84
N PRO D 117 -12.66 16.83 27.14
CA PRO D 117 -12.29 15.77 28.10
C PRO D 117 -13.42 14.86 28.54
N SER D 118 -14.68 15.14 28.20
CA SER D 118 -15.79 14.41 28.78
C SER D 118 -15.77 12.92 28.44
N TYR D 119 -15.29 12.54 27.26
CA TYR D 119 -15.16 11.12 26.96
C TYR D 119 -14.11 10.46 27.84
N VAL D 120 -12.99 11.14 28.09
CA VAL D 120 -11.94 10.59 28.94
C VAL D 120 -12.43 10.44 30.37
N TYR D 121 -13.13 11.46 30.89
CA TYR D 121 -13.66 11.35 32.26
C TYR D 121 -14.57 10.14 32.40
N ALA D 122 -15.44 9.90 31.41
CA ALA D 122 -16.37 8.79 31.51
C ALA D 122 -15.65 7.45 31.40
N SER D 123 -14.66 7.36 30.52
CA SER D 123 -13.92 6.11 30.37
C SER D 123 -13.16 5.77 31.65
N LEU D 124 -12.52 6.76 32.26
CA LEU D 124 -11.80 6.51 33.51
C LEU D 124 -12.79 6.21 34.63
N TRP D 125 -13.94 6.89 34.64
CA TRP D 125 -14.96 6.65 35.66
C TRP D 125 -15.57 5.26 35.53
N ARG D 126 -15.85 4.80 34.30
CA ARG D 126 -16.48 3.51 34.13
C ARG D 126 -15.55 2.37 34.53
N ASN D 127 -14.25 2.59 34.43
CA ASN D 127 -13.25 1.54 34.67
C ASN D 127 -12.41 1.84 35.90
N ALA D 128 -12.83 2.79 36.74
CA ALA D 128 -12.10 3.14 37.95
C ALA D 128 -12.06 1.97 38.94
N VAL D 129 -10.88 1.70 39.50
CA VAL D 129 -10.71 0.63 40.48
C VAL D 129 -10.19 1.23 41.77
N GLU D 130 -10.88 0.95 42.88
CA GLU D 130 -10.51 1.51 44.18
C GLU D 130 -9.71 0.48 44.97
N MET D 131 -8.49 0.85 45.32
CA MET D 131 -7.61 0.01 46.12
C MET D 131 -6.74 0.85 47.05
N ALA E 1 38.59 -13.29 -12.58
CA ALA E 1 37.62 -12.23 -12.32
C ALA E 1 38.02 -11.44 -11.09
N ASP E 2 39.14 -10.72 -11.19
CA ASP E 2 39.67 -9.97 -10.06
C ASP E 2 38.90 -8.68 -9.84
N TRP E 3 38.86 -8.25 -8.58
CA TRP E 3 38.15 -7.04 -8.18
C TRP E 3 39.14 -5.92 -7.87
N ASP E 4 38.89 -4.75 -8.46
CA ASP E 4 39.74 -3.57 -8.30
C ASP E 4 39.11 -2.68 -7.23
N PHE E 5 39.56 -2.83 -5.99
CA PHE E 5 38.90 -2.15 -4.88
C PHE E 5 39.15 -0.64 -4.85
N SER E 6 40.27 -0.19 -5.43
N SER E 6 40.26 -0.17 -5.44
CA SER E 6 40.51 1.25 -5.53
CA SER E 6 40.47 1.26 -5.48
C SER E 6 39.52 1.90 -6.47
C SER E 6 39.53 1.92 -6.48
N ALA E 7 39.30 1.29 -7.63
CA ALA E 7 38.33 1.81 -8.58
C ALA E 7 36.90 1.64 -8.06
N ILE E 8 36.63 0.54 -7.35
CA ILE E 8 35.31 0.34 -6.76
C ILE E 8 35.03 1.40 -5.71
N SER E 9 36.03 1.72 -4.88
CA SER E 9 35.86 2.79 -3.90
C SER E 9 35.63 4.13 -4.58
N ARG E 10 36.35 4.40 -5.67
CA ARG E 10 36.17 5.65 -6.41
C ARG E 10 34.76 5.73 -6.99
N LYS E 11 34.28 4.65 -7.61
CA LYS E 11 32.98 4.69 -8.25
C LYS E 11 31.86 4.72 -7.21
N ALA E 12 32.03 3.99 -6.10
CA ALA E 12 31.01 3.99 -5.06
C ALA E 12 30.93 5.33 -4.35
N THR E 13 32.06 6.03 -4.22
CA THR E 13 32.04 7.37 -3.64
C THR E 13 31.21 8.32 -4.49
N ALA E 14 31.27 8.18 -5.81
CA ALA E 14 30.44 9.00 -6.69
C ALA E 14 28.97 8.60 -6.60
N LEU E 15 28.70 7.31 -6.45
CA LEU E 15 27.31 6.84 -6.44
C LEU E 15 26.61 7.17 -5.13
N TYR E 16 27.32 7.04 -4.00
CA TYR E 16 26.71 7.11 -2.69
C TYR E 16 27.20 8.27 -1.83
N GLY E 17 28.24 8.98 -2.26
CA GLY E 17 28.85 10.02 -1.47
C GLY E 17 30.07 9.51 -0.73
N PRO E 18 30.73 10.38 0.03
CA PRO E 18 31.89 9.93 0.82
C PRO E 18 31.50 8.81 1.78
N LEU E 19 32.28 7.74 1.75
CA LEU E 19 31.91 6.50 2.42
C LEU E 19 32.14 6.53 3.92
N GLY E 20 32.90 7.50 4.43
CA GLY E 20 33.08 7.62 5.87
C GLY E 20 33.67 6.37 6.47
N ALA E 21 33.06 5.90 7.58
CA ALA E 21 33.50 4.64 8.18
C ALA E 21 33.26 3.45 7.28
N GLY E 22 32.41 3.60 6.26
CA GLY E 22 32.19 2.51 5.32
C GLY E 22 33.45 2.09 4.59
N GLN E 23 34.38 3.02 4.37
CA GLN E 23 35.62 2.68 3.68
C GLN E 23 36.44 1.67 4.47
N GLN E 24 36.54 1.86 5.78
CA GLN E 24 37.26 0.91 6.61
C GLN E 24 36.61 -0.46 6.58
N ARG E 25 35.28 -0.51 6.61
CA ARG E 25 34.59 -1.80 6.52
C ARG E 25 34.81 -2.44 5.16
N ILE E 26 34.83 -1.64 4.09
CA ILE E 26 35.14 -2.18 2.76
C ILE E 26 36.59 -2.69 2.74
N ASP E 27 37.49 -1.97 3.40
CA ASP E 27 38.87 -2.45 3.54
C ASP E 27 38.92 -3.79 4.26
N ALA E 28 38.15 -3.95 5.33
CA ALA E 28 38.12 -5.21 6.06
C ALA E 28 37.56 -6.33 5.17
N TRP E 29 36.58 -6.01 4.32
CA TRP E 29 36.04 -6.99 3.37
C TRP E 29 37.11 -7.41 2.37
N GLN E 30 37.83 -6.43 1.82
CA GLN E 30 38.91 -6.73 0.89
C GLN E 30 39.95 -7.65 1.53
N ASN E 31 40.31 -7.39 2.79
CA ASN E 31 41.26 -8.24 3.50
C ASN E 31 40.74 -9.67 3.62
N LEU E 32 39.47 -9.82 3.99
CA LEU E 32 38.86 -11.14 4.07
C LEU E 32 38.99 -11.89 2.75
N LEU E 33 38.58 -11.27 1.65
CA LEU E 33 38.67 -11.91 0.34
C LEU E 33 40.11 -12.23 -0.03
N ALA E 34 41.06 -11.39 0.39
CA ALA E 34 42.45 -11.60 0.01
C ALA E 34 43.09 -12.75 0.78
N THR E 35 42.62 -13.03 2.00
CA THR E 35 43.31 -13.95 2.89
C THR E 35 42.57 -15.26 3.13
N GLN E 36 41.42 -15.49 2.49
CA GLN E 36 40.63 -16.69 2.73
C GLN E 36 40.44 -17.53 1.48
N LYS E 37 41.27 -17.35 0.45
CA LYS E 37 41.08 -18.08 -0.80
C LYS E 37 41.50 -19.54 -0.67
N GLN E 38 42.45 -19.86 0.20
CA GLN E 38 43.09 -21.16 0.20
C GLN E 38 42.65 -22.04 1.37
N VAL E 39 41.72 -21.58 2.20
CA VAL E 39 41.22 -22.37 3.31
C VAL E 39 40.15 -23.35 2.82
N SER E 40 39.75 -24.28 3.68
CA SER E 40 38.73 -25.24 3.31
C SER E 40 37.41 -24.53 3.03
N GLU E 41 36.55 -25.21 2.26
CA GLU E 41 35.26 -24.62 1.91
C GLU E 41 34.40 -24.42 3.16
N MET E 42 34.51 -25.33 4.13
CA MET E 42 33.79 -25.16 5.38
C MET E 42 34.29 -23.94 6.15
N GLU E 43 35.60 -23.67 6.07
CA GLU E 43 36.15 -22.49 6.73
C GLU E 43 35.71 -21.22 6.02
N LYS E 44 35.60 -21.25 4.69
CA LYS E 44 35.09 -20.10 3.96
C LYS E 44 33.69 -19.73 4.41
N LEU E 45 32.82 -20.73 4.59
CA LEU E 45 31.47 -20.48 5.07
C LEU E 45 31.49 -19.81 6.44
N LYS E 46 32.31 -20.31 7.36
CA LYS E 46 32.35 -19.76 8.71
C LYS E 46 32.81 -18.31 8.72
N VAL E 47 33.96 -18.04 8.09
CA VAL E 47 34.54 -16.70 8.21
C VAL E 47 33.68 -15.68 7.48
N VAL E 48 33.06 -16.06 6.36
CA VAL E 48 32.20 -15.11 5.65
C VAL E 48 30.93 -14.85 6.44
N ASN E 49 30.31 -15.90 6.96
CA ASN E 49 29.10 -15.74 7.76
C ASN E 49 29.38 -14.88 8.98
N LEU E 50 30.47 -15.16 9.67
CA LEU E 50 30.80 -14.41 10.88
C LEU E 50 31.20 -12.97 10.56
N PHE E 51 31.88 -12.75 9.43
CA PHE E 51 32.33 -11.40 9.08
C PHE E 51 31.16 -10.45 8.91
N PHE E 52 30.14 -10.86 8.15
CA PHE E 52 29.03 -9.96 7.89
C PHE E 52 28.07 -9.84 9.07
N ASN E 53 27.93 -10.90 9.87
CA ASN E 53 27.11 -10.79 11.07
C ASN E 53 27.71 -9.80 12.07
N LYS E 54 29.04 -9.66 12.08
CA LYS E 54 29.70 -8.71 12.97
C LYS E 54 29.81 -7.31 12.38
N GLN E 55 29.93 -7.20 11.06
CA GLN E 55 30.09 -5.90 10.41
C GLN E 55 28.77 -5.19 10.13
N MET E 56 27.65 -5.90 10.17
CA MET E 56 26.35 -5.32 9.84
C MET E 56 25.43 -5.35 11.06
N ARG E 57 24.82 -4.21 11.35
CA ARG E 57 23.70 -4.15 12.28
C ARG E 57 22.41 -4.43 11.52
N TYR E 58 21.53 -5.21 12.13
CA TYR E 58 20.25 -5.54 11.50
C TYR E 58 19.29 -4.37 11.69
N VAL E 59 18.92 -3.72 10.59
CA VAL E 59 17.91 -2.66 10.60
C VAL E 59 17.01 -2.83 9.38
N GLU E 60 15.72 -2.60 9.58
CA GLU E 60 14.73 -2.81 8.51
C GLU E 60 14.95 -1.82 7.37
N ASP E 61 14.53 -2.23 6.17
CA ASP E 61 14.76 -1.41 4.99
C ASP E 61 14.02 -0.08 5.08
N ILE E 62 12.83 -0.07 5.70
CA ILE E 62 12.04 1.15 5.78
C ILE E 62 12.77 2.22 6.61
N ASP E 63 13.60 1.79 7.56
CA ASP E 63 14.36 2.73 8.38
C ASP E 63 15.66 3.16 7.71
N LEU E 64 16.38 2.21 7.11
CA LEU E 64 17.69 2.52 6.54
C LEU E 64 17.58 3.16 5.15
N TRP E 65 16.63 2.70 4.34
CA TRP E 65 16.49 3.14 2.97
C TRP E 65 15.20 3.90 2.71
N HIS E 66 14.32 4.03 3.70
CA HIS E 66 13.00 4.65 3.53
C HIS E 66 12.23 3.96 2.41
N GLU E 67 12.44 2.66 2.25
CA GLU E 67 11.75 1.82 1.28
C GLU E 67 11.39 0.52 1.96
N VAL E 68 10.19 0.01 1.67
CA VAL E 68 9.74 -1.22 2.31
C VAL E 68 10.71 -2.37 2.02
N ASP E 69 11.16 -2.47 0.77
CA ASP E 69 12.12 -3.50 0.38
C ASP E 69 13.20 -2.88 -0.47
N TYR E 70 14.46 -3.12 -0.11
CA TYR E 70 15.60 -2.56 -0.84
C TYR E 70 16.76 -3.53 -0.71
N TRP E 71 17.16 -4.14 -1.83
CA TRP E 71 18.23 -5.15 -1.82
C TRP E 71 19.58 -4.45 -1.97
N GLU E 72 20.40 -4.52 -0.93
CA GLU E 72 21.71 -3.89 -0.93
C GLU E 72 22.72 -4.70 -1.74
N THR E 73 23.60 -4.00 -2.45
CA THR E 73 24.83 -4.63 -2.88
C THR E 73 25.74 -4.83 -1.67
N PRO E 74 26.72 -5.73 -1.77
CA PRO E 74 27.70 -5.86 -0.67
C PRO E 74 28.37 -4.54 -0.32
N ILE E 75 28.65 -3.70 -1.31
CA ILE E 75 29.24 -2.38 -1.04
C ILE E 75 28.27 -1.50 -0.28
N GLU E 76 27.00 -1.48 -0.67
CA GLU E 76 26.00 -0.71 0.06
C GLU E 76 25.86 -1.21 1.49
N ALA E 77 25.90 -2.53 1.70
CA ALA E 77 25.81 -3.07 3.04
C ALA E 77 26.99 -2.62 3.90
N LEU E 78 28.20 -2.66 3.34
CA LEU E 78 29.37 -2.24 4.10
C LEU E 78 29.45 -0.73 4.25
N TRP E 79 29.00 0.02 3.25
CA TRP E 79 28.92 1.47 3.37
C TRP E 79 28.06 1.87 4.56
N LYS E 80 26.83 1.34 4.61
CA LYS E 80 25.95 1.61 5.74
C LYS E 80 26.33 0.85 7.00
N GLY E 81 27.09 -0.24 6.86
CA GLY E 81 27.31 -1.13 7.99
C GLY E 81 26.02 -1.69 8.56
N ALA E 82 25.00 -1.86 7.71
CA ALA E 82 23.68 -2.23 8.18
C ALA E 82 22.84 -2.74 7.02
N GLY E 83 21.83 -3.53 7.35
CA GLY E 83 20.95 -4.10 6.36
C GLY E 83 19.97 -5.04 7.03
N ASP E 84 19.15 -5.69 6.19
CA ASP E 84 18.21 -6.67 6.72
C ASP E 84 18.46 -8.05 6.12
N CYS E 85 17.45 -8.92 6.16
CA CYS E 85 17.67 -10.36 5.98
C CYS E 85 18.33 -10.67 4.64
N GLU E 86 17.79 -10.14 3.54
CA GLU E 86 18.34 -10.50 2.24
C GLU E 86 19.69 -9.83 2.00
N ASP E 87 19.93 -8.67 2.61
CA ASP E 87 21.22 -7.99 2.44
C ASP E 87 22.35 -8.87 2.96
N TYR E 88 22.17 -9.48 4.14
CA TYR E 88 23.17 -10.40 4.66
C TYR E 88 23.39 -11.57 3.70
N ALA E 89 22.31 -12.15 3.19
CA ALA E 89 22.43 -13.31 2.31
C ALA E 89 23.15 -12.95 1.03
N ILE E 90 22.80 -11.80 0.43
CA ILE E 90 23.45 -11.38 -0.82
C ILE E 90 24.94 -11.15 -0.60
N ALA E 91 25.29 -10.46 0.48
CA ALA E 91 26.70 -10.16 0.73
C ALA E 91 27.50 -11.43 0.96
N LYS E 92 26.93 -12.39 1.70
CA LYS E 92 27.63 -13.66 1.92
C LYS E 92 27.72 -14.47 0.63
N TYR E 93 26.69 -14.40 -0.22
CA TYR E 93 26.71 -15.13 -1.48
C TYR E 93 27.86 -14.69 -2.37
N PHE E 94 27.92 -13.40 -2.68
CA PHE E 94 28.94 -12.91 -3.60
C PHE E 94 30.34 -13.08 -3.04
N SER E 95 30.49 -12.98 -1.72
CA SER E 95 31.79 -13.22 -1.10
C SER E 95 32.23 -14.67 -1.29
N LEU E 96 31.32 -15.62 -1.03
CA LEU E 96 31.67 -17.02 -1.16
C LEU E 96 31.93 -17.41 -2.62
N ARG E 97 31.14 -16.86 -3.54
CA ARG E 97 31.42 -17.08 -4.96
C ARG E 97 32.81 -16.58 -5.34
N HIS E 98 33.16 -15.38 -4.88
CA HIS E 98 34.48 -14.84 -5.18
C HIS E 98 35.59 -15.69 -4.57
N LEU E 99 35.34 -16.28 -3.40
CA LEU E 99 36.32 -17.13 -2.75
C LEU E 99 36.41 -18.52 -3.36
N GLY E 100 35.57 -18.83 -4.35
CA GLY E 100 35.66 -20.08 -5.08
C GLY E 100 34.61 -21.13 -4.78
N VAL E 101 33.60 -20.81 -3.97
CA VAL E 101 32.52 -21.77 -3.72
C VAL E 101 31.62 -21.84 -4.95
N ALA E 102 31.39 -23.04 -5.45
CA ALA E 102 30.61 -23.23 -6.66
C ALA E 102 29.18 -22.69 -6.48
N SER E 103 28.63 -22.12 -7.56
N SER E 103 28.63 -22.13 -7.56
CA SER E 103 27.29 -21.54 -7.47
CA SER E 103 27.29 -21.55 -7.50
C SER E 103 26.23 -22.62 -7.25
C SER E 103 26.23 -22.62 -7.25
N ASP E 104 26.49 -23.85 -7.70
CA ASP E 104 25.52 -24.93 -7.48
C ASP E 104 25.32 -25.27 -6.01
N LYS E 105 26.27 -24.91 -5.15
CA LYS E 105 26.19 -25.24 -3.74
C LYS E 105 25.48 -24.17 -2.91
N LEU E 106 25.18 -23.01 -3.48
CA LEU E 106 24.64 -21.89 -2.73
C LEU E 106 23.26 -21.54 -3.26
N ARG E 107 22.29 -21.40 -2.35
CA ARG E 107 20.92 -21.05 -2.72
C ARG E 107 20.42 -19.91 -1.86
N ILE E 108 19.67 -19.01 -2.49
CA ILE E 108 18.89 -18.00 -1.78
C ILE E 108 17.56 -18.63 -1.39
N THR E 109 17.26 -18.66 -0.10
CA THR E 109 16.14 -19.44 0.42
C THR E 109 15.16 -18.53 1.18
N TYR E 110 13.92 -18.49 0.70
CA TYR E 110 12.84 -17.81 1.40
C TYR E 110 12.30 -18.74 2.48
N VAL E 111 12.22 -18.24 3.72
CA VAL E 111 11.77 -19.02 4.85
C VAL E 111 10.77 -18.21 5.67
N LYS E 112 10.10 -18.89 6.59
CA LYS E 112 9.32 -18.24 7.64
C LYS E 112 10.12 -18.34 8.94
N ALA E 113 10.41 -17.18 9.55
CA ALA E 113 11.04 -17.13 10.85
C ALA E 113 9.95 -17.21 11.91
N LEU E 114 9.94 -18.30 12.67
CA LEU E 114 8.82 -18.58 13.56
C LEU E 114 8.79 -17.61 14.74
N ARG E 115 9.95 -17.31 15.31
CA ARG E 115 9.97 -16.46 16.50
C ARG E 115 9.60 -15.02 16.16
N GLN E 116 10.13 -14.49 15.06
CA GLN E 116 9.72 -13.16 14.61
C GLN E 116 8.38 -13.18 13.90
N ASN E 117 7.87 -14.37 13.55
CA ASN E 117 6.59 -14.53 12.86
C ASN E 117 6.52 -13.65 11.61
N ARG E 118 7.50 -13.82 10.73
CA ARG E 118 7.57 -13.00 9.52
C ARG E 118 8.33 -13.74 8.43
N ALA E 119 8.13 -13.28 7.20
CA ALA E 119 8.96 -13.75 6.11
C ALA E 119 10.41 -13.37 6.36
N HIS E 120 11.32 -14.23 5.90
CA HIS E 120 12.73 -14.12 6.24
C HIS E 120 13.54 -14.78 5.12
N MET E 121 14.83 -14.45 5.05
CA MET E 121 15.67 -15.03 4.03
C MET E 121 17.01 -15.44 4.63
N VAL E 122 17.52 -16.59 4.18
CA VAL E 122 18.82 -17.10 4.58
C VAL E 122 19.57 -17.56 3.34
N LEU E 123 20.86 -17.85 3.53
CA LEU E 123 21.68 -18.48 2.52
C LEU E 123 21.92 -19.93 2.92
N THR E 124 21.70 -20.85 1.99
CA THR E 124 21.89 -22.27 2.25
C THR E 124 23.06 -22.81 1.45
N TYR E 125 23.78 -23.76 2.05
CA TYR E 125 24.95 -24.37 1.44
C TYR E 125 24.72 -25.88 1.32
N TYR E 126 24.85 -26.40 0.10
CA TYR E 126 24.66 -27.83 -0.18
C TYR E 126 26.00 -28.42 -0.55
N SER E 127 26.58 -29.20 0.37
CA SER E 127 27.87 -29.84 0.09
C SER E 127 27.78 -30.79 -1.09
N SER E 128 26.62 -31.41 -1.29
CA SER E 128 26.28 -32.17 -2.48
C SER E 128 24.82 -31.92 -2.77
N PRO E 129 24.36 -32.17 -4.01
CA PRO E 129 22.97 -31.83 -4.34
C PRO E 129 21.93 -32.44 -3.42
N ASP E 130 22.11 -33.68 -2.98
CA ASP E 130 21.14 -34.34 -2.12
C ASP E 130 21.44 -34.18 -0.63
N ALA E 131 22.34 -33.27 -0.26
CA ALA E 131 22.74 -33.14 1.13
C ALA E 131 21.76 -32.27 1.91
N MET E 132 21.72 -32.50 3.21
CA MET E 132 21.07 -31.56 4.11
C MET E 132 21.85 -30.25 4.09
N PRO E 133 21.23 -29.11 3.79
CA PRO E 133 21.98 -27.86 3.69
C PRO E 133 22.32 -27.29 5.06
N LEU E 134 23.36 -26.45 5.05
CA LEU E 134 23.70 -25.60 6.19
C LEU E 134 23.08 -24.22 5.99
N VAL E 135 22.66 -23.60 7.09
CA VAL E 135 21.96 -22.33 7.05
C VAL E 135 22.90 -21.23 7.51
N LEU E 136 23.22 -20.31 6.60
CA LEU E 136 23.97 -19.09 6.91
C LEU E 136 22.96 -17.98 7.15
N ASP E 137 22.82 -17.57 8.39
CA ASP E 137 21.70 -16.76 8.84
C ASP E 137 22.18 -15.43 9.39
N SER E 138 21.26 -14.46 9.42
CA SER E 138 21.49 -13.18 10.08
C SER E 138 20.89 -13.13 11.47
N LEU E 139 20.00 -14.07 11.82
CA LEU E 139 19.40 -14.08 13.14
C LEU E 139 20.33 -14.62 14.20
N ILE E 140 21.17 -15.60 13.86
CA ILE E 140 22.15 -16.18 14.77
C ILE E 140 23.48 -16.31 14.04
N ASP E 141 24.53 -16.55 14.82
CA ASP E 141 25.88 -16.70 14.29
C ASP E 141 26.21 -18.16 13.92
N PRO E 142 25.84 -19.16 14.73
CA PRO E 142 26.17 -20.54 14.35
C PRO E 142 25.59 -20.94 13.01
N ILE E 143 26.34 -21.77 12.30
CA ILE E 143 25.90 -22.37 11.04
C ILE E 143 25.46 -23.78 11.36
N LYS E 144 24.16 -24.05 11.23
CA LYS E 144 23.63 -25.33 11.63
C LYS E 144 22.97 -26.06 10.47
N PRO E 145 22.92 -27.39 10.50
CA PRO E 145 22.07 -28.11 9.56
C PRO E 145 20.65 -27.58 9.60
N ALA E 146 20.05 -27.41 8.42
CA ALA E 146 18.81 -26.66 8.30
C ALA E 146 17.70 -27.22 9.16
N ALA E 147 17.56 -28.56 9.19
CA ALA E 147 16.49 -29.16 9.98
C ALA E 147 16.70 -28.97 11.49
N GLU E 148 17.91 -28.62 11.93
CA GLU E 148 18.12 -28.29 13.33
C GLU E 148 17.59 -26.92 13.69
N ARG E 149 17.35 -26.06 12.70
CA ARG E 149 16.80 -24.72 12.92
C ARG E 149 15.28 -24.84 13.00
N THR E 150 14.81 -25.33 14.15
CA THR E 150 13.38 -25.49 14.36
C THR E 150 12.63 -24.17 14.37
N ASP E 151 13.34 -23.04 14.42
CA ASP E 151 12.73 -21.72 14.35
C ASP E 151 12.52 -21.25 12.92
N LEU E 152 12.90 -22.04 11.91
CA LEU E 152 12.75 -21.68 10.52
C LEU E 152 11.95 -22.76 9.79
N LEU E 153 11.14 -22.32 8.82
CA LEU E 153 10.40 -23.22 7.93
C LEU E 153 10.66 -22.79 6.50
N PRO E 154 11.24 -23.64 5.66
CA PRO E 154 11.55 -23.22 4.29
C PRO E 154 10.30 -23.10 3.44
N VAL E 155 10.34 -22.15 2.51
CA VAL E 155 9.23 -21.88 1.60
C VAL E 155 9.62 -22.15 0.15
N TYR E 156 10.71 -21.55 -0.31
CA TYR E 156 11.23 -21.82 -1.65
C TYR E 156 12.69 -21.39 -1.71
N SER E 157 13.40 -21.96 -2.69
CA SER E 157 14.82 -21.72 -2.84
C SER E 157 15.15 -21.40 -4.30
N PHE E 158 16.16 -20.57 -4.49
CA PHE E 158 16.57 -20.12 -5.82
C PHE E 158 18.06 -20.32 -6.02
N ASN E 159 18.42 -20.73 -7.23
CA ASN E 159 19.81 -20.70 -7.68
C ASN E 159 20.06 -19.35 -8.35
N ALA E 160 21.06 -18.62 -7.86
CA ALA E 160 21.30 -17.25 -8.27
C ALA E 160 21.95 -17.18 -9.65
N GLU E 161 21.33 -16.41 -10.54
CA GLU E 161 21.78 -16.26 -11.91
C GLU E 161 21.43 -14.86 -12.39
N GLY E 162 21.83 -14.54 -13.61
CA GLY E 162 21.52 -13.26 -14.21
C GLY E 162 22.72 -12.65 -14.93
N LEU E 163 22.43 -11.74 -15.85
CA LEU E 163 23.46 -11.03 -16.60
C LEU E 163 23.16 -9.53 -16.63
N LEU E 180 16.14 -4.98 -13.59
CA LEU E 180 14.70 -4.81 -13.54
C LEU E 180 14.08 -5.64 -12.43
N SER E 181 14.33 -6.95 -12.45
CA SER E 181 13.96 -7.79 -11.31
C SER E 181 14.87 -7.46 -10.13
N ARG E 182 14.51 -8.00 -8.96
CA ARG E 182 15.25 -7.66 -7.74
C ARG E 182 16.72 -8.03 -7.85
N TRP E 183 17.00 -9.27 -8.27
CA TRP E 183 18.39 -9.71 -8.35
C TRP E 183 19.13 -8.98 -9.48
N GLN E 184 18.46 -8.78 -10.61
CA GLN E 184 19.09 -8.08 -11.74
C GLN E 184 19.46 -6.66 -11.36
N ASP E 185 18.61 -5.99 -10.57
CA ASP E 185 18.92 -4.63 -10.13
C ASP E 185 20.16 -4.60 -9.26
N VAL E 186 20.35 -5.62 -8.42
CA VAL E 186 21.57 -5.73 -7.62
C VAL E 186 22.79 -5.83 -8.54
N LEU E 187 22.71 -6.70 -9.55
CA LEU E 187 23.80 -6.84 -10.50
C LEU E 187 24.05 -5.53 -11.25
N LYS E 188 22.99 -4.81 -11.57
CA LYS E 188 23.15 -3.53 -12.25
C LYS E 188 23.91 -2.54 -11.38
N LYS E 189 23.56 -2.48 -10.09
CA LYS E 189 24.25 -1.60 -9.16
C LYS E 189 25.70 -1.99 -9.00
N MET E 190 25.99 -3.30 -8.94
CA MET E 190 27.36 -3.75 -8.80
C MET E 190 28.19 -3.43 -10.03
N GLN E 191 27.58 -3.48 -11.22
CA GLN E 191 28.32 -3.09 -12.42
C GLN E 191 28.67 -1.61 -12.38
N ALA E 192 27.75 -0.77 -11.92
CA ALA E 192 28.05 0.65 -11.77
C ALA E 192 29.10 0.89 -10.70
N GLU E 193 29.12 0.04 -9.65
CA GLU E 193 30.12 0.18 -8.60
C GLU E 193 31.52 -0.20 -9.07
N GLY E 194 31.64 -0.91 -10.19
CA GLY E 194 32.92 -1.29 -10.72
C GLY E 194 33.24 -2.77 -10.68
N PHE E 195 32.28 -3.61 -10.35
CA PHE E 195 32.54 -5.05 -10.33
C PHE E 195 32.49 -5.60 -11.76
N PRO E 196 33.33 -6.57 -12.09
CA PRO E 196 33.25 -7.15 -13.44
C PRO E 196 32.03 -8.03 -13.56
N VAL E 197 31.59 -8.22 -14.80
CA VAL E 197 30.39 -9.00 -15.06
C VAL E 197 30.68 -10.23 -15.90
N ALA F 1 -24.02 -4.73 0.64
CA ALA F 1 -25.10 -5.47 1.26
C ALA F 1 -26.46 -4.91 0.86
N ASP F 2 -27.48 -5.75 0.89
CA ASP F 2 -28.82 -5.35 0.45
C ASP F 2 -29.51 -4.52 1.51
N TRP F 3 -30.39 -3.63 1.06
CA TRP F 3 -31.15 -2.74 1.93
C TRP F 3 -32.58 -3.25 2.01
N ASP F 4 -33.07 -3.43 3.24
CA ASP F 4 -34.43 -3.94 3.50
C ASP F 4 -35.32 -2.73 3.77
N PHE F 5 -36.00 -2.26 2.72
CA PHE F 5 -36.78 -1.03 2.83
C PHE F 5 -38.06 -1.21 3.64
N SER F 6 -38.58 -2.45 3.72
CA SER F 6 -39.72 -2.70 4.59
C SER F 6 -39.33 -2.53 6.06
N ALA F 7 -38.20 -3.10 6.45
CA ALA F 7 -37.73 -2.92 7.82
C ALA F 7 -37.28 -1.48 8.08
N ILE F 8 -36.68 -0.84 7.08
CA ILE F 8 -36.26 0.55 7.24
C ILE F 8 -37.47 1.45 7.46
N SER F 9 -38.54 1.22 6.71
CA SER F 9 -39.76 1.99 6.91
C SER F 9 -40.33 1.77 8.31
N ARG F 10 -40.31 0.52 8.78
CA ARG F 10 -40.79 0.22 10.13
C ARG F 10 -39.95 0.93 11.19
N LYS F 11 -38.63 0.88 11.05
CA LYS F 11 -37.77 1.48 12.06
C LYS F 11 -37.83 3.00 12.00
N ALA F 12 -37.91 3.57 10.79
CA ALA F 12 -37.98 5.02 10.66
C ALA F 12 -39.30 5.57 11.18
N THR F 13 -40.39 4.82 11.02
CA THR F 13 -41.67 5.27 11.57
C THR F 13 -41.61 5.35 13.10
N ALA F 14 -40.91 4.41 13.73
CA ALA F 14 -40.75 4.47 15.18
C ALA F 14 -39.84 5.61 15.59
N LEU F 15 -38.79 5.88 14.81
CA LEU F 15 -37.82 6.91 15.18
C LEU F 15 -38.39 8.31 14.98
N TYR F 16 -39.14 8.51 13.89
CA TYR F 16 -39.53 9.84 13.46
C TYR F 16 -41.02 10.10 13.49
N GLY F 17 -41.85 9.07 13.69
CA GLY F 17 -43.28 9.23 13.61
C GLY F 17 -43.78 8.83 12.23
N PRO F 18 -45.09 8.95 12.01
CA PRO F 18 -45.64 8.61 10.69
C PRO F 18 -44.98 9.43 9.59
N LEU F 19 -44.51 8.74 8.55
CA LEU F 19 -43.66 9.37 7.55
C LEU F 19 -44.43 10.22 6.55
N GLY F 20 -45.75 10.08 6.49
CA GLY F 20 -46.55 10.93 5.61
C GLY F 20 -46.13 10.78 4.16
N ALA F 21 -45.98 11.93 3.49
CA ALA F 21 -45.49 11.92 2.12
C ALA F 21 -44.07 11.41 2.00
N GLY F 22 -43.34 11.36 3.12
CA GLY F 22 -41.99 10.82 3.08
C GLY F 22 -41.94 9.37 2.63
N GLN F 23 -43.00 8.61 2.92
CA GLN F 23 -43.01 7.20 2.53
C GLN F 23 -43.01 7.05 1.01
N GLN F 24 -43.81 7.86 0.30
CA GLN F 24 -43.80 7.80 -1.16
C GLN F 24 -42.44 8.20 -1.72
N ARG F 25 -41.82 9.22 -1.13
CA ARG F 25 -40.48 9.63 -1.57
C ARG F 25 -39.46 8.53 -1.30
N ILE F 26 -39.58 7.84 -0.16
CA ILE F 26 -38.70 6.70 0.11
C ILE F 26 -38.94 5.59 -0.90
N ASP F 27 -40.21 5.35 -1.26
CA ASP F 27 -40.50 4.38 -2.33
C ASP F 27 -39.85 4.79 -3.64
N ALA F 28 -39.91 6.07 -3.99
CA ALA F 28 -39.26 6.54 -5.21
C ALA F 28 -37.75 6.34 -5.14
N TRP F 29 -37.16 6.52 -3.95
CA TRP F 29 -35.74 6.25 -3.78
C TRP F 29 -35.44 4.78 -3.99
N GLN F 30 -36.24 3.91 -3.38
CA GLN F 30 -36.07 2.46 -3.56
C GLN F 30 -36.15 2.09 -5.04
N ASN F 31 -37.09 2.68 -5.78
CA ASN F 31 -37.20 2.39 -7.19
C ASN F 31 -35.94 2.78 -7.95
N LEU F 32 -35.41 3.97 -7.67
CA LEU F 32 -34.17 4.40 -8.31
C LEU F 32 -33.06 3.40 -8.06
N LEU F 33 -32.82 3.06 -6.80
CA LEU F 33 -31.74 2.14 -6.46
C LEU F 33 -31.95 0.78 -7.11
N ALA F 34 -33.20 0.35 -7.26
CA ALA F 34 -33.47 -0.96 -7.84
C ALA F 34 -33.26 -0.98 -9.35
N THR F 35 -33.41 0.17 -10.03
CA THR F 35 -33.46 0.20 -11.47
C THR F 35 -32.25 0.85 -12.12
N GLN F 36 -31.26 1.30 -11.34
CA GLN F 36 -30.11 2.01 -11.89
C GLN F 36 -28.79 1.31 -11.57
N LYS F 37 -28.82 0.01 -11.26
CA LYS F 37 -27.61 -0.67 -10.80
C LYS F 37 -26.64 -0.92 -11.95
N GLN F 38 -27.14 -1.16 -13.16
CA GLN F 38 -26.31 -1.58 -14.29
C GLN F 38 -26.19 -0.54 -15.39
N VAL F 39 -26.66 0.69 -15.16
CA VAL F 39 -26.46 1.74 -16.14
C VAL F 39 -25.03 2.24 -15.99
N SER F 40 -24.58 3.07 -16.92
CA SER F 40 -23.21 3.58 -16.86
C SER F 40 -23.01 4.44 -15.62
N GLU F 41 -21.75 4.57 -15.21
CA GLU F 41 -21.43 5.36 -14.03
C GLU F 41 -21.81 6.82 -14.22
N MET F 42 -21.65 7.34 -15.44
CA MET F 42 -22.07 8.71 -15.72
C MET F 42 -23.58 8.87 -15.60
N GLU F 43 -24.34 7.84 -15.98
CA GLU F 43 -25.79 7.92 -15.85
C GLU F 43 -26.22 7.84 -14.39
N LYS F 44 -25.52 7.04 -13.59
CA LYS F 44 -25.80 6.98 -12.16
C LYS F 44 -25.65 8.36 -11.52
N LEU F 45 -24.57 9.06 -11.87
CA LEU F 45 -24.37 10.41 -11.34
C LEU F 45 -25.52 11.33 -11.74
N LYS F 46 -25.94 11.27 -13.00
CA LYS F 46 -26.99 12.14 -13.50
C LYS F 46 -28.32 11.88 -12.78
N VAL F 47 -28.75 10.62 -12.74
CA VAL F 47 -30.07 10.33 -12.19
C VAL F 47 -30.10 10.55 -10.67
N VAL F 48 -29.00 10.24 -9.99
CA VAL F 48 -28.97 10.45 -8.54
C VAL F 48 -28.94 11.93 -8.20
N ASN F 49 -28.13 12.71 -8.92
CA ASN F 49 -28.08 14.15 -8.69
C ASN F 49 -29.43 14.79 -8.94
N LEU F 50 -30.09 14.42 -10.05
CA LEU F 50 -31.38 15.01 -10.38
C LEU F 50 -32.47 14.56 -9.41
N PHE F 51 -32.40 13.31 -8.96
CA PHE F 51 -33.46 12.78 -8.09
C PHE F 51 -33.55 13.57 -6.80
N PHE F 52 -32.42 13.81 -6.13
CA PHE F 52 -32.48 14.48 -4.85
C PHE F 52 -32.69 15.99 -5.00
N ASN F 53 -32.22 16.59 -6.10
CA ASN F 53 -32.51 17.99 -6.34
C ASN F 53 -33.99 18.23 -6.56
N LYS F 54 -34.70 17.24 -7.09
CA LYS F 54 -36.15 17.35 -7.29
C LYS F 54 -36.95 16.91 -6.07
N GLN F 55 -36.44 15.95 -5.29
CA GLN F 55 -37.18 15.44 -4.15
C GLN F 55 -36.99 16.27 -2.89
N MET F 56 -35.98 17.15 -2.85
CA MET F 56 -35.69 17.94 -1.66
C MET F 56 -35.85 19.42 -1.96
N ARG F 57 -36.59 20.12 -1.10
CA ARG F 57 -36.59 21.58 -1.08
C ARG F 57 -35.43 22.05 -0.21
N TYR F 58 -34.75 23.10 -0.66
CA TYR F 58 -33.63 23.62 0.10
C TYR F 58 -34.16 24.43 1.28
N VAL F 59 -33.88 23.96 2.50
CA VAL F 59 -34.28 24.65 3.71
C VAL F 59 -33.11 24.62 4.69
N GLU F 60 -32.86 25.74 5.34
CA GLU F 60 -31.75 25.84 6.28
C GLU F 60 -32.04 24.99 7.52
N ASP F 61 -30.96 24.52 8.15
CA ASP F 61 -31.10 23.61 9.29
C ASP F 61 -31.80 24.28 10.47
N ILE F 62 -31.56 25.58 10.67
CA ILE F 62 -32.17 26.26 11.81
C ILE F 62 -33.68 26.29 11.68
N ASP F 63 -34.20 26.29 10.45
CA ASP F 63 -35.64 26.28 10.22
C ASP F 63 -36.23 24.89 10.27
N LEU F 64 -35.54 23.91 9.66
CA LEU F 64 -36.10 22.57 9.57
C LEU F 64 -35.86 21.76 10.83
N TRP F 65 -34.69 21.91 11.45
CA TRP F 65 -34.30 21.09 12.60
C TRP F 65 -34.14 21.88 13.89
N HIS F 66 -34.33 23.21 13.85
CA HIS F 66 -34.11 24.06 15.02
C HIS F 66 -32.71 23.87 15.59
N GLU F 67 -31.76 23.58 14.70
CA GLU F 67 -30.36 23.37 15.03
C GLU F 67 -29.53 24.11 13.99
N VAL F 68 -28.46 24.76 14.45
CA VAL F 68 -27.62 25.53 13.53
C VAL F 68 -27.06 24.62 12.44
N ASP F 69 -26.60 23.43 12.81
CA ASP F 69 -26.08 22.46 11.86
C ASP F 69 -26.63 21.09 12.21
N TYR F 70 -27.20 20.41 11.23
CA TYR F 70 -27.80 19.09 11.46
C TYR F 70 -27.65 18.27 10.18
N TRP F 71 -26.86 17.21 10.26
CA TRP F 71 -26.59 16.36 9.10
C TRP F 71 -27.67 15.29 9.00
N GLU F 72 -28.48 15.36 7.95
CA GLU F 72 -29.56 14.41 7.74
C GLU F 72 -29.03 13.09 7.19
N THR F 73 -29.62 11.99 7.63
CA THR F 73 -29.52 10.75 6.88
C THR F 73 -30.35 10.88 5.60
N PRO F 74 -30.07 10.06 4.59
CA PRO F 74 -30.94 10.04 3.40
C PRO F 74 -32.41 9.81 3.74
N ILE F 75 -32.69 8.98 4.74
CA ILE F 75 -34.07 8.76 5.14
C ILE F 75 -34.68 10.02 5.75
N GLU F 76 -33.91 10.70 6.62
CA GLU F 76 -34.39 11.96 7.18
C GLU F 76 -34.63 12.99 6.08
N ALA F 77 -33.75 13.04 5.09
CA ALA F 77 -33.94 13.95 3.96
C ALA F 77 -35.22 13.63 3.21
N LEU F 78 -35.48 12.34 2.95
CA LEU F 78 -36.67 11.98 2.22
C LEU F 78 -37.93 12.10 3.07
N TRP F 79 -37.82 11.81 4.38
CA TRP F 79 -38.94 12.04 5.29
C TRP F 79 -39.39 13.50 5.25
N LYS F 80 -38.46 14.43 5.46
CA LYS F 80 -38.80 15.85 5.42
C LYS F 80 -39.01 16.37 4.01
N GLY F 81 -38.47 15.70 3.00
CA GLY F 81 -38.46 16.28 1.66
C GLY F 81 -37.74 17.61 1.60
N ALA F 82 -36.74 17.80 2.45
CA ALA F 82 -36.06 19.08 2.58
C ALA F 82 -34.74 18.90 3.31
N GLY F 83 -33.84 19.85 3.09
CA GLY F 83 -32.52 19.81 3.71
C GLY F 83 -31.68 20.95 3.18
N ASP F 84 -30.42 20.98 3.61
CA ASP F 84 -29.51 21.99 3.11
C ASP F 84 -28.29 21.36 2.42
N CYS F 85 -27.20 22.11 2.31
CA CYS F 85 -26.14 21.76 1.36
C CYS F 85 -25.56 20.38 1.63
N GLU F 86 -25.19 20.09 2.88
CA GLU F 86 -24.56 18.80 3.15
C GLU F 86 -25.56 17.65 3.07
N ASP F 87 -26.84 17.93 3.35
CA ASP F 87 -27.86 16.89 3.25
C ASP F 87 -27.96 16.33 1.83
N TYR F 88 -27.97 17.21 0.83
CA TYR F 88 -27.97 16.76 -0.56
C TYR F 88 -26.74 15.92 -0.87
N ALA F 89 -25.56 16.41 -0.46
CA ALA F 89 -24.33 15.69 -0.77
C ALA F 89 -24.30 14.32 -0.11
N ILE F 90 -24.70 14.25 1.17
CA ILE F 90 -24.71 12.96 1.88
C ILE F 90 -25.67 11.99 1.21
N ALA F 91 -26.87 12.45 0.86
CA ALA F 91 -27.86 11.56 0.27
C ALA F 91 -27.39 11.05 -1.09
N LYS F 92 -26.77 11.92 -1.89
CA LYS F 92 -26.26 11.49 -3.18
C LYS F 92 -25.06 10.56 -3.03
N TYR F 93 -24.23 10.79 -2.01
CA TYR F 93 -23.07 9.94 -1.78
C TYR F 93 -23.50 8.50 -1.50
N PHE F 94 -24.36 8.30 -0.49
CA PHE F 94 -24.74 6.94 -0.11
C PHE F 94 -25.50 6.24 -1.23
N SER F 95 -26.29 6.98 -2.00
CA SER F 95 -26.98 6.40 -3.14
C SER F 95 -26.00 5.90 -4.19
N LEU F 96 -25.01 6.74 -4.52
CA LEU F 96 -24.03 6.36 -5.55
C LEU F 96 -23.16 5.19 -5.09
N ARG F 97 -22.77 5.19 -3.80
CA ARG F 97 -22.03 4.04 -3.26
C ARG F 97 -22.85 2.76 -3.38
N HIS F 98 -24.13 2.83 -3.04
CA HIS F 98 -25.00 1.66 -3.14
C HIS F 98 -25.12 1.18 -4.58
N LEU F 99 -25.12 2.11 -5.53
CA LEU F 99 -25.23 1.77 -6.95
C LEU F 99 -23.92 1.26 -7.55
N GLY F 100 -22.82 1.25 -6.79
CA GLY F 100 -21.58 0.67 -7.23
C GLY F 100 -20.48 1.64 -7.60
N VAL F 101 -20.65 2.94 -7.38
CA VAL F 101 -19.58 3.88 -7.66
C VAL F 101 -18.52 3.76 -6.57
N ALA F 102 -17.26 3.59 -6.98
CA ALA F 102 -16.19 3.38 -6.02
C ALA F 102 -16.04 4.59 -5.11
N SER F 103 -15.72 4.33 -3.84
CA SER F 103 -15.61 5.40 -2.86
C SER F 103 -14.45 6.34 -3.17
N ASP F 104 -13.39 5.84 -3.78
CA ASP F 104 -12.25 6.68 -4.13
C ASP F 104 -12.60 7.74 -5.17
N LYS F 105 -13.68 7.56 -5.91
CA LYS F 105 -14.07 8.53 -6.94
C LYS F 105 -14.97 9.63 -6.40
N LEU F 106 -15.46 9.50 -5.17
CA LEU F 106 -16.44 10.45 -4.62
C LEU F 106 -15.82 11.13 -3.41
N ARG F 107 -15.93 12.47 -3.37
CA ARG F 107 -15.39 13.24 -2.27
C ARG F 107 -16.44 14.22 -1.76
N ILE F 108 -16.47 14.39 -0.44
CA ILE F 108 -17.23 15.46 0.19
C ILE F 108 -16.36 16.71 0.15
N THR F 109 -16.86 17.77 -0.48
CA THR F 109 -16.03 18.94 -0.78
C THR F 109 -16.63 20.19 -0.15
N TYR F 110 -15.87 20.82 0.73
CA TYR F 110 -16.24 22.12 1.31
C TYR F 110 -15.84 23.22 0.33
N VAL F 111 -16.78 24.10 0.00
CA VAL F 111 -16.53 25.18 -0.93
C VAL F 111 -17.09 26.48 -0.36
N LYS F 112 -16.69 27.59 -0.99
CA LYS F 112 -17.34 28.88 -0.79
C LYS F 112 -18.22 29.14 -2.00
N ALA F 113 -19.52 29.37 -1.75
CA ALA F 113 -20.45 29.76 -2.79
C ALA F 113 -20.39 31.28 -2.93
N LEU F 114 -19.92 31.76 -4.07
CA LEU F 114 -19.65 33.20 -4.22
C LEU F 114 -20.94 34.01 -4.27
N ARG F 115 -21.96 33.51 -4.96
CA ARG F 115 -23.18 34.29 -5.12
C ARG F 115 -23.95 34.41 -3.81
N GLN F 116 -24.07 33.32 -3.07
CA GLN F 116 -24.70 33.37 -1.76
C GLN F 116 -23.76 33.91 -0.68
N ASN F 117 -22.47 34.03 -0.97
CA ASN F 117 -21.47 34.54 -0.02
C ASN F 117 -21.54 33.79 1.31
N ARG F 118 -21.43 32.46 1.22
CA ARG F 118 -21.52 31.63 2.42
C ARG F 118 -20.78 30.32 2.19
N ALA F 119 -20.45 29.66 3.30
CA ALA F 119 -19.91 28.31 3.23
C ALA F 119 -20.93 27.37 2.61
N HIS F 120 -20.43 26.38 1.87
CA HIS F 120 -21.26 25.52 1.05
C HIS F 120 -20.57 24.17 0.91
N MET F 121 -21.34 23.16 0.54
CA MET F 121 -20.79 21.82 0.35
C MET F 121 -21.37 21.20 -0.91
N VAL F 122 -20.52 20.50 -1.66
CA VAL F 122 -20.92 19.78 -2.85
C VAL F 122 -20.30 18.38 -2.80
N LEU F 123 -20.75 17.53 -3.70
CA LEU F 123 -20.15 16.22 -3.93
C LEU F 123 -19.38 16.29 -5.24
N THR F 124 -18.13 15.84 -5.21
CA THR F 124 -17.28 15.84 -6.40
C THR F 124 -17.00 14.41 -6.82
N TYR F 125 -16.93 14.21 -8.15
CA TYR F 125 -16.69 12.90 -8.75
C TYR F 125 -15.42 12.95 -9.59
N TYR F 126 -14.48 12.04 -9.29
CA TYR F 126 -13.21 11.96 -10.00
C TYR F 126 -13.20 10.66 -10.81
N SER F 127 -13.34 10.78 -12.14
CA SER F 127 -13.32 9.60 -12.99
C SER F 127 -11.98 8.87 -12.89
N SER F 128 -10.91 9.62 -12.66
CA SER F 128 -9.59 9.10 -12.32
C SER F 128 -8.99 10.06 -11.30
N PRO F 129 -7.99 9.60 -10.54
CA PRO F 129 -7.46 10.47 -9.47
C PRO F 129 -6.97 11.82 -9.94
N ASP F 130 -6.35 11.89 -11.12
CA ASP F 130 -5.82 13.16 -11.63
C ASP F 130 -6.80 13.92 -12.50
N ALA F 131 -8.07 13.52 -12.53
CA ALA F 131 -9.03 14.14 -13.43
C ALA F 131 -9.61 15.42 -12.82
N MET F 132 -10.06 16.29 -13.71
CA MET F 132 -10.90 17.41 -13.29
C MET F 132 -12.23 16.84 -12.78
N PRO F 133 -12.64 17.13 -11.56
CA PRO F 133 -13.86 16.52 -11.03
C PRO F 133 -15.12 17.15 -11.59
N LEU F 134 -16.20 16.37 -11.53
CA LEU F 134 -17.54 16.87 -11.79
C LEU F 134 -18.20 17.25 -10.47
N VAL F 135 -19.00 18.31 -10.51
CA VAL F 135 -19.63 18.86 -9.31
C VAL F 135 -21.10 18.48 -9.30
N LEU F 136 -21.49 17.68 -8.31
CA LEU F 136 -22.89 17.36 -8.05
C LEU F 136 -23.37 18.32 -6.96
N ASP F 137 -24.22 19.27 -7.34
CA ASP F 137 -24.53 20.42 -6.51
C ASP F 137 -26.02 20.45 -6.18
N SER F 138 -26.33 21.18 -5.11
CA SER F 138 -27.71 21.46 -4.75
C SER F 138 -28.18 22.82 -5.24
N LEU F 139 -27.26 23.70 -5.64
CA LEU F 139 -27.65 25.01 -6.13
C LEU F 139 -28.17 24.96 -7.56
N ILE F 140 -27.63 24.08 -8.39
CA ILE F 140 -28.09 23.91 -9.78
C ILE F 140 -28.20 22.41 -10.08
N ASP F 141 -28.87 22.11 -11.19
CA ASP F 141 -29.10 20.74 -11.62
C ASP F 141 -27.98 20.18 -12.52
N PRO F 142 -27.47 20.95 -13.49
CA PRO F 142 -26.41 20.40 -14.35
C PRO F 142 -25.18 19.96 -13.56
N ILE F 143 -24.54 18.91 -14.04
CA ILE F 143 -23.27 18.43 -13.52
C ILE F 143 -22.18 18.96 -14.43
N LYS F 144 -21.36 19.86 -13.91
CA LYS F 144 -20.36 20.53 -14.74
C LYS F 144 -18.95 20.23 -14.24
N PRO F 145 -17.96 20.29 -15.12
CA PRO F 145 -16.57 20.27 -14.65
C PRO F 145 -16.35 21.37 -13.63
N ALA F 146 -15.62 21.03 -12.56
CA ALA F 146 -15.55 21.90 -11.39
C ALA F 146 -15.03 23.29 -11.74
N ALA F 147 -13.99 23.37 -12.59
CA ALA F 147 -13.43 24.66 -12.94
C ALA F 147 -14.40 25.52 -13.74
N GLU F 148 -15.45 24.93 -14.32
CA GLU F 148 -16.49 25.71 -14.98
C GLU F 148 -17.43 26.38 -14.00
N ARG F 149 -17.46 25.93 -12.75
CA ARG F 149 -18.31 26.52 -11.72
C ARG F 149 -17.59 27.71 -11.12
N THR F 150 -17.58 28.81 -11.88
CA THR F 150 -16.92 30.03 -11.44
C THR F 150 -17.58 30.66 -10.22
N ASP F 151 -18.77 30.18 -9.84
CA ASP F 151 -19.46 30.65 -8.65
C ASP F 151 -19.03 29.90 -7.39
N LEU F 152 -18.12 28.93 -7.51
CA LEU F 152 -17.65 28.14 -6.39
C LEU F 152 -16.13 28.21 -6.30
N LEU F 153 -15.63 28.20 -5.06
CA LEU F 153 -14.20 28.14 -4.79
C LEU F 153 -13.96 27.02 -3.80
N PRO F 154 -13.17 26.00 -4.15
CA PRO F 154 -12.98 24.87 -3.25
C PRO F 154 -12.08 25.25 -2.07
N VAL F 155 -12.36 24.64 -0.92
CA VAL F 155 -11.61 24.88 0.30
C VAL F 155 -10.89 23.61 0.76
N TYR F 156 -11.63 22.51 0.91
CA TYR F 156 -11.00 21.24 1.25
C TYR F 156 -11.95 20.11 0.87
N SER F 157 -11.39 18.91 0.72
CA SER F 157 -12.13 17.74 0.29
C SER F 157 -11.78 16.56 1.18
N PHE F 158 -12.77 15.68 1.39
CA PHE F 158 -12.61 14.51 2.24
C PHE F 158 -13.07 13.26 1.51
N ASN F 159 -12.34 12.17 1.70
CA ASN F 159 -12.82 10.84 1.34
C ASN F 159 -13.50 10.23 2.56
N ALA F 160 -14.79 9.92 2.42
CA ALA F 160 -15.58 9.45 3.57
C ALA F 160 -15.37 7.96 3.77
N GLU F 161 -14.91 7.57 4.96
CA GLU F 161 -14.63 6.17 5.32
C GLU F 161 -14.79 6.03 6.84
N GLY F 162 -16.04 5.89 7.29
CA GLY F 162 -16.35 5.72 8.69
C GLY F 162 -17.03 4.39 9.00
N LEU F 163 -17.03 4.04 10.27
CA LEU F 163 -17.71 2.85 10.76
C LEU F 163 -18.44 3.15 12.06
N LEU F 180 -18.75 11.21 19.19
CA LEU F 180 -18.99 10.90 17.78
C LEU F 180 -18.86 12.13 16.89
N SER F 181 -18.07 12.01 15.83
CA SER F 181 -17.99 13.06 14.82
C SER F 181 -19.31 13.12 14.03
N ARG F 182 -19.43 14.18 13.23
CA ARG F 182 -20.67 14.41 12.48
C ARG F 182 -20.98 13.25 11.54
N TRP F 183 -19.96 12.79 10.79
CA TRP F 183 -20.20 11.69 9.87
C TRP F 183 -20.56 10.40 10.60
N GLN F 184 -19.88 10.12 11.71
CA GLN F 184 -20.19 8.93 12.49
C GLN F 184 -21.60 9.01 13.07
N ASP F 185 -22.04 10.20 13.48
CA ASP F 185 -23.39 10.36 13.99
C ASP F 185 -24.42 10.06 12.90
N VAL F 186 -24.13 10.43 11.66
CA VAL F 186 -25.01 10.06 10.55
C VAL F 186 -25.08 8.55 10.42
N LEU F 187 -23.92 7.89 10.47
CA LEU F 187 -23.89 6.44 10.37
C LEU F 187 -24.63 5.78 11.53
N LYS F 188 -24.51 6.33 12.73
CA LYS F 188 -25.23 5.78 13.87
C LYS F 188 -26.74 5.92 13.68
N LYS F 189 -27.19 7.06 13.14
CA LYS F 189 -28.60 7.22 12.84
C LYS F 189 -29.05 6.25 11.77
N MET F 190 -28.21 6.03 10.75
CA MET F 190 -28.58 5.07 9.70
C MET F 190 -28.62 3.65 10.23
N GLN F 191 -27.77 3.32 11.20
CA GLN F 191 -27.82 2.01 11.84
C GLN F 191 -29.15 1.81 12.57
N ALA F 192 -29.61 2.83 13.27
CA ALA F 192 -30.92 2.75 13.93
C ALA F 192 -32.04 2.65 12.91
N GLU F 193 -31.88 3.28 11.74
CA GLU F 193 -32.90 3.21 10.70
C GLU F 193 -32.99 1.84 10.05
N GLY F 194 -31.96 1.01 10.22
CA GLY F 194 -31.96 -0.33 9.66
C GLY F 194 -31.00 -0.57 8.51
N PHE F 195 -30.08 0.36 8.25
CA PHE F 195 -29.13 0.14 7.17
C PHE F 195 -27.99 -0.79 7.63
N PRO F 196 -27.53 -1.67 6.75
CA PRO F 196 -26.41 -2.57 7.09
C PRO F 196 -25.07 -1.86 7.10
N VAL F 197 -23.99 -2.63 7.16
CA VAL F 197 -22.64 -2.07 7.18
C VAL F 197 -21.87 -2.44 5.91
#